data_6V1I
#
_entry.id   6V1I
#
_cell.length_a   1.00
_cell.length_b   1.00
_cell.length_c   1.00
_cell.angle_alpha   90.00
_cell.angle_beta   90.00
_cell.angle_gamma   90.00
#
_symmetry.space_group_name_H-M   'P 1'
#
_entity_poly.entity_id   1
_entity_poly.type   'polypeptide(L)'
_entity_poly.pdbx_seq_one_letter_code
;GPHMSVSFRDRVLKLYLLGFDPSEIAQTLSLDAKRKVTEEEVLHVLAEARELLSALPSLEDIRAEVGQALERARIFQKDL
LAIYQNMLRNYNAMMEGLTEHPDGTPVIGVRPADIAAMADRIMKIDQERITALLNSLKVLGHVGSTTAGALPSATELVSV
EELVAEVADETPKT
;
_entity_poly.pdbx_strand_id   A,B,C,D,E,F,G,H,I
#
# COMPACT_ATOMS: atom_id res chain seq x y z
N MET A 4 -27.22 42.23 0.41
CA MET A 4 -27.93 40.97 0.38
C MET A 4 -27.82 40.43 -1.06
N SER A 5 -26.86 40.98 -1.79
CA SER A 5 -26.71 40.71 -3.21
C SER A 5 -25.42 39.96 -3.53
N VAL A 6 -24.27 40.51 -3.15
CA VAL A 6 -23.00 39.95 -3.60
C VAL A 6 -22.17 39.48 -2.42
N SER A 7 -21.76 40.40 -1.56
CA SER A 7 -20.87 40.08 -0.45
C SER A 7 -21.61 39.54 0.75
N PHE A 8 -22.90 39.36 0.65
CA PHE A 8 -23.67 38.69 1.66
C PHE A 8 -24.06 37.28 1.22
N ARG A 9 -24.50 37.12 -0.03
CA ARG A 9 -24.86 35.79 -0.51
C ARG A 9 -23.64 34.91 -0.67
N ASP A 10 -22.49 35.51 -0.97
CA ASP A 10 -21.25 34.74 -0.99
C ASP A 10 -20.86 34.33 0.42
N ARG A 11 -20.97 35.25 1.38
CA ARG A 11 -20.49 34.98 2.73
C ARG A 11 -21.33 33.94 3.45
N VAL A 12 -22.65 34.01 3.29
CA VAL A 12 -23.53 33.04 3.93
C VAL A 12 -23.32 31.65 3.37
N LEU A 13 -23.08 31.53 2.07
CA LEU A 13 -22.79 30.24 1.47
C LEU A 13 -21.44 29.68 1.92
N LYS A 14 -20.43 30.53 1.94
CA LYS A 14 -19.08 30.07 2.30
C LYS A 14 -19.03 29.71 3.77
N LEU A 15 -19.76 30.43 4.60
CA LEU A 15 -19.69 30.15 6.03
C LEU A 15 -20.53 28.93 6.38
N TYR A 16 -21.54 28.63 5.56
CA TYR A 16 -22.34 27.44 5.80
C TYR A 16 -21.57 26.18 5.45
N LEU A 17 -20.81 26.22 4.35
CA LEU A 17 -20.10 25.03 3.90
C LEU A 17 -18.89 24.75 4.77
N LEU A 18 -18.48 25.68 5.62
CA LEU A 18 -17.47 25.38 6.61
C LEU A 18 -18.10 24.86 7.90
N GLY A 19 -19.41 24.66 7.89
CA GLY A 19 -20.03 23.86 8.92
C GLY A 19 -20.55 24.62 10.12
N PHE A 20 -21.09 25.81 9.89
CA PHE A 20 -21.75 26.57 10.94
C PHE A 20 -23.25 26.44 10.75
N ASP A 21 -23.97 26.26 11.85
CA ASP A 21 -25.42 26.29 11.82
C ASP A 21 -25.89 27.71 11.50
N PRO A 22 -27.08 27.90 10.93
CA PRO A 22 -27.51 29.24 10.53
C PRO A 22 -27.71 30.21 11.68
N SER A 23 -27.77 29.73 12.93
CA SER A 23 -27.72 30.63 14.07
C SER A 23 -26.38 31.34 14.16
N GLU A 24 -25.28 30.59 14.02
CA GLU A 24 -23.97 31.19 14.14
C GLU A 24 -23.62 32.03 12.92
N ILE A 25 -24.15 31.64 11.75
CA ILE A 25 -23.96 32.43 10.54
C ILE A 25 -24.60 33.81 10.70
N ALA A 26 -25.75 33.85 11.38
CA ALA A 26 -26.40 35.12 11.68
C ALA A 26 -25.57 35.94 12.64
N GLN A 27 -25.09 35.32 13.72
CA GLN A 27 -24.47 36.08 14.81
C GLN A 27 -23.11 36.63 14.41
N THR A 28 -22.35 35.89 13.60
CA THR A 28 -21.10 36.41 13.08
C THR A 28 -21.34 37.54 12.10
N LEU A 29 -22.42 37.45 11.33
CA LEU A 29 -22.75 38.53 10.42
C LEU A 29 -23.67 39.56 11.05
N SER A 30 -24.13 39.34 12.28
CA SER A 30 -24.89 40.36 12.99
C SER A 30 -24.02 41.56 13.31
N LEU A 31 -22.73 41.34 13.53
CA LEU A 31 -21.80 42.40 13.84
C LEU A 31 -20.94 42.80 12.64
N ASP A 32 -21.13 42.15 11.49
CA ASP A 32 -20.36 42.48 10.30
C ASP A 32 -20.69 43.88 9.78
N ALA A 33 -21.89 44.06 9.25
CA ALA A 33 -22.29 45.35 8.70
C ALA A 33 -23.53 45.90 9.39
N LYS A 34 -24.56 45.07 9.48
CA LYS A 34 -25.86 45.52 9.98
C LYS A 34 -25.87 45.60 11.49
N ARG A 35 -27.01 46.04 12.03
CA ARG A 35 -27.23 45.94 13.46
C ARG A 35 -27.46 44.50 13.87
N LYS A 36 -28.34 43.81 13.15
CA LYS A 36 -28.57 42.39 13.39
C LYS A 36 -29.01 41.75 12.09
N VAL A 37 -28.80 40.43 12.00
CA VAL A 37 -29.23 39.63 10.87
C VAL A 37 -30.06 38.49 11.47
N THR A 38 -31.32 38.38 11.06
CA THR A 38 -32.17 37.34 11.60
C THR A 38 -31.80 35.99 10.99
N GLU A 39 -32.20 34.92 11.67
CA GLU A 39 -31.91 33.58 11.19
C GLU A 39 -32.67 33.28 9.90
N GLU A 40 -33.88 33.81 9.78
CA GLU A 40 -34.66 33.58 8.57
C GLU A 40 -34.07 34.34 7.39
N GLU A 41 -33.43 35.48 7.66
CA GLU A 41 -32.69 36.19 6.62
C GLU A 41 -31.53 35.36 6.10
N VAL A 42 -30.88 34.61 7.00
CA VAL A 42 -29.81 33.70 6.59
C VAL A 42 -30.40 32.51 5.85
N LEU A 43 -31.43 31.89 6.42
CA LEU A 43 -31.97 30.64 5.91
C LEU A 43 -32.68 30.82 4.57
N HIS A 44 -33.18 32.03 4.30
CA HIS A 44 -33.74 32.32 2.99
C HIS A 44 -32.67 32.27 1.90
N VAL A 45 -31.48 32.80 2.20
CA VAL A 45 -30.41 32.88 1.21
C VAL A 45 -29.86 31.49 0.93
N LEU A 46 -29.75 30.66 1.96
CA LEU A 46 -29.21 29.30 1.80
C LEU A 46 -30.11 28.45 0.93
N ALA A 47 -31.42 28.59 1.08
CA ALA A 47 -32.34 27.89 0.19
C ALA A 47 -32.32 28.50 -1.20
N GLU A 48 -32.09 29.81 -1.27
CA GLU A 48 -32.01 30.48 -2.56
C GLU A 48 -30.76 30.07 -3.32
N ALA A 49 -29.61 30.06 -2.65
CA ALA A 49 -28.38 29.70 -3.31
C ALA A 49 -28.28 28.20 -3.55
N ARG A 50 -29.10 27.41 -2.87
CA ARG A 50 -29.14 25.97 -3.09
C ARG A 50 -29.55 25.66 -4.53
N GLU A 51 -30.55 26.38 -5.02
CA GLU A 51 -31.05 26.14 -6.36
C GLU A 51 -30.12 26.72 -7.41
N LEU A 52 -29.29 27.69 -7.03
CA LEU A 52 -28.26 28.21 -7.92
C LEU A 52 -27.23 27.13 -8.17
N LEU A 53 -26.77 26.51 -7.09
CA LEU A 53 -25.81 25.42 -7.20
C LEU A 53 -26.41 24.17 -7.81
N SER A 54 -27.73 24.02 -7.76
CA SER A 54 -28.38 22.83 -8.29
C SER A 54 -28.47 22.79 -9.81
N ALA A 55 -27.97 23.80 -10.50
CA ALA A 55 -28.04 23.86 -11.95
C ALA A 55 -27.09 22.84 -12.58
N LEU A 56 -27.27 22.64 -13.87
CA LEU A 56 -26.49 21.68 -14.63
C LEU A 56 -25.42 22.43 -15.42
N PRO A 57 -24.27 21.82 -15.72
CA PRO A 57 -23.26 22.53 -16.51
C PRO A 57 -23.59 22.52 -17.99
N SER A 58 -22.76 23.17 -18.80
CA SER A 58 -22.87 23.05 -20.23
C SER A 58 -21.63 22.33 -20.74
N LEU A 59 -21.65 21.98 -22.02
CA LEU A 59 -20.55 21.21 -22.58
C LEU A 59 -19.32 22.08 -22.74
N GLU A 60 -19.53 23.36 -23.06
CA GLU A 60 -18.42 24.29 -23.12
C GLU A 60 -17.98 24.71 -21.72
N ASP A 61 -18.90 24.58 -20.75
CA ASP A 61 -18.56 24.89 -19.36
C ASP A 61 -17.54 23.90 -18.82
N ILE A 62 -17.70 22.63 -19.18
CA ILE A 62 -16.75 21.60 -18.76
C ILE A 62 -15.40 21.81 -19.44
N ARG A 63 -15.40 22.36 -20.67
CA ARG A 63 -14.16 22.64 -21.38
C ARG A 63 -13.37 23.74 -20.71
N ALA A 64 -14.02 24.56 -19.88
CA ALA A 64 -13.31 25.63 -19.19
C ALA A 64 -12.38 25.07 -18.13
N GLU A 65 -12.84 24.11 -17.33
CA GLU A 65 -11.98 23.59 -16.26
C GLU A 65 -10.88 22.72 -16.83
N VAL A 66 -11.19 21.92 -17.85
CA VAL A 66 -10.19 21.05 -18.47
C VAL A 66 -9.10 21.89 -19.12
N GLY A 67 -9.47 23.06 -19.63
CA GLY A 67 -8.47 24.03 -20.00
C GLY A 67 -7.68 24.53 -18.81
N GLN A 68 -8.39 24.82 -17.70
CA GLN A 68 -7.71 25.37 -16.54
C GLN A 68 -6.93 24.33 -15.78
N ALA A 69 -7.39 23.07 -15.79
CA ALA A 69 -6.72 22.03 -15.03
C ALA A 69 -5.37 21.68 -15.65
N LEU A 70 -5.30 21.71 -16.98
CA LEU A 70 -4.02 21.46 -17.63
C LEU A 70 -3.09 22.65 -17.45
N GLU A 71 -3.64 23.83 -17.27
CA GLU A 71 -2.78 24.98 -17.05
C GLU A 71 -2.32 25.05 -15.61
N ARG A 72 -3.10 24.47 -14.69
CA ARG A 72 -2.60 24.20 -13.34
C ARG A 72 -1.36 23.33 -13.36
N ALA A 73 -1.32 22.37 -14.28
CA ALA A 73 -0.19 21.46 -14.37
C ALA A 73 1.07 22.17 -14.80
N ARG A 74 0.97 23.05 -15.79
CA ARG A 74 2.15 23.69 -16.35
C ARG A 74 2.76 24.67 -15.38
N ILE A 75 1.96 25.26 -14.49
CA ILE A 75 2.53 26.12 -13.47
C ILE A 75 3.31 25.30 -12.45
N PHE A 76 2.82 24.09 -12.17
CA PHE A 76 3.50 23.26 -11.18
C PHE A 76 4.76 22.65 -11.76
N GLN A 77 4.78 22.34 -13.05
CA GLN A 77 6.01 21.82 -13.64
C GLN A 77 7.10 22.88 -13.72
N LYS A 78 6.71 24.16 -13.82
CA LYS A 78 7.73 25.20 -13.76
C LYS A 78 8.33 25.31 -12.37
N ASP A 79 7.57 24.87 -11.37
CA ASP A 79 8.11 24.89 -10.00
C ASP A 79 8.97 23.67 -9.73
N LEU A 80 8.50 22.49 -10.13
CA LEU A 80 9.19 21.26 -9.73
C LEU A 80 10.50 21.09 -10.48
N LEU A 81 10.51 21.46 -11.77
CA LEU A 81 11.73 21.41 -12.56
C LEU A 81 12.75 22.40 -12.05
N ALA A 82 12.29 23.51 -11.48
CA ALA A 82 13.20 24.43 -10.82
C ALA A 82 13.75 23.82 -9.55
N ILE A 83 12.94 23.00 -8.86
CA ILE A 83 13.44 22.31 -7.69
C ILE A 83 14.40 21.21 -8.09
N TYR A 84 14.03 20.43 -9.12
CA TYR A 84 14.78 19.26 -9.53
C TYR A 84 16.19 19.63 -9.99
N GLN A 85 16.33 20.72 -10.74
CA GLN A 85 17.65 21.21 -11.08
C GLN A 85 18.40 21.66 -9.84
N ASN A 86 17.70 22.32 -8.92
CA ASN A 86 18.39 22.86 -7.77
C ASN A 86 18.52 21.82 -6.67
N MET A 87 17.86 20.68 -6.83
CA MET A 87 18.12 19.54 -5.96
C MET A 87 19.27 18.70 -6.50
N LEU A 88 19.35 18.59 -7.82
CA LEU A 88 20.43 17.84 -8.43
C LEU A 88 21.75 18.58 -8.32
N ARG A 89 21.68 19.91 -8.13
CA ARG A 89 22.87 20.68 -7.78
C ARG A 89 23.44 20.24 -6.46
N ASN A 90 22.57 20.05 -5.46
CA ASN A 90 23.04 19.66 -4.14
C ASN A 90 23.55 18.24 -4.09
N TYR A 91 23.14 17.39 -5.01
CA TYR A 91 23.61 16.01 -4.98
C TYR A 91 25.05 15.91 -5.46
N ASN A 92 25.39 16.66 -6.50
CA ASN A 92 26.77 16.64 -6.99
C ASN A 92 27.72 17.29 -6.02
N ALA A 93 27.31 18.41 -5.42
CA ALA A 93 28.16 19.12 -4.48
C ALA A 93 28.31 18.39 -3.17
N MET A 94 27.34 17.56 -2.79
CA MET A 94 27.51 16.71 -1.62
C MET A 94 28.50 15.60 -1.90
N MET A 95 28.49 15.09 -3.12
CA MET A 95 29.36 13.99 -3.50
C MET A 95 30.81 14.41 -3.53
N GLU A 96 31.08 15.64 -3.98
CA GLU A 96 32.45 16.11 -4.03
C GLU A 96 33.00 16.43 -2.66
N GLY A 97 32.12 16.57 -1.67
CA GLY A 97 32.52 16.89 -0.33
C GLY A 97 32.45 18.34 0.02
N LEU A 98 31.86 19.16 -0.83
CA LEU A 98 31.76 20.60 -0.60
C LEU A 98 30.69 20.84 0.45
N THR A 99 31.09 21.41 1.59
CA THR A 99 30.11 21.77 2.60
C THR A 99 29.26 22.93 2.15
N GLU A 100 29.83 23.83 1.36
CA GLU A 100 29.08 24.92 0.76
C GLU A 100 29.27 24.90 -0.75
N HIS A 101 28.33 25.49 -1.42
CA HIS A 101 28.41 25.80 -2.83
C HIS A 101 29.47 26.87 -3.07
N PRO A 102 29.95 27.03 -4.32
CA PRO A 102 30.88 28.13 -4.62
C PRO A 102 30.29 29.52 -4.41
N ASP A 103 28.97 29.61 -4.36
CA ASP A 103 28.30 30.84 -3.97
C ASP A 103 28.28 31.04 -2.46
N GLY A 104 28.81 30.10 -1.68
CA GLY A 104 28.77 30.19 -0.25
C GLY A 104 27.51 29.67 0.39
N THR A 105 26.50 29.31 -0.38
CA THR A 105 25.24 28.81 0.16
C THR A 105 25.45 27.41 0.70
N PRO A 106 24.75 27.00 1.77
CA PRO A 106 24.98 25.67 2.34
C PRO A 106 24.52 24.53 1.45
N VAL A 107 25.10 23.35 1.64
CA VAL A 107 24.76 22.17 0.85
C VAL A 107 23.89 21.28 1.72
N ILE A 108 22.69 21.02 1.25
CA ILE A 108 21.72 20.21 1.98
C ILE A 108 21.77 18.80 1.44
N GLY A 109 21.69 17.82 2.34
CA GLY A 109 21.85 16.42 1.95
C GLY A 109 20.64 15.89 1.21
N VAL A 110 20.89 15.22 0.10
CA VAL A 110 19.85 14.65 -0.74
C VAL A 110 20.19 13.19 -1.01
N ARG A 111 19.29 12.30 -0.66
CA ARG A 111 19.48 10.89 -0.97
C ARG A 111 19.18 10.63 -2.44
N PRO A 112 19.80 9.60 -3.03
CA PRO A 112 19.54 9.33 -4.44
C PRO A 112 18.15 8.79 -4.71
N ALA A 113 17.50 8.18 -3.73
CA ALA A 113 16.13 7.76 -3.95
C ALA A 113 15.15 8.91 -3.89
N ASP A 114 15.57 10.08 -3.41
CA ASP A 114 14.73 11.25 -3.34
C ASP A 114 14.65 11.93 -4.70
N ILE A 115 15.76 11.92 -5.45
CA ILE A 115 15.76 12.47 -6.81
C ILE A 115 14.86 11.66 -7.71
N ALA A 116 14.82 10.34 -7.48
CA ALA A 116 13.94 9.47 -8.24
C ALA A 116 12.48 9.73 -7.93
N ALA A 117 12.19 10.27 -6.75
CA ALA A 117 10.82 10.62 -6.42
C ALA A 117 10.35 11.82 -7.22
N MET A 118 11.19 12.87 -7.28
CA MET A 118 10.83 14.06 -8.03
C MET A 118 10.83 13.81 -9.53
N ALA A 119 11.64 12.84 -9.98
CA ALA A 119 11.57 12.46 -11.38
C ALA A 119 10.25 11.81 -11.71
N ASP A 120 9.71 11.04 -10.76
CA ASP A 120 8.47 10.33 -11.03
C ASP A 120 7.27 11.27 -10.93
N ARG A 121 7.36 12.29 -10.08
CA ARG A 121 6.28 13.26 -9.97
C ARG A 121 6.10 14.06 -11.25
N ILE A 122 7.22 14.42 -11.88
CA ILE A 122 7.17 15.25 -13.09
C ILE A 122 6.57 14.48 -14.24
N MET A 123 7.05 13.27 -14.47
CA MET A 123 6.55 12.48 -15.59
C MET A 123 5.15 11.96 -15.33
N LYS A 124 4.72 11.97 -14.07
CA LYS A 124 3.32 11.70 -13.78
C LYS A 124 2.44 12.83 -14.29
N ILE A 125 2.87 14.07 -14.05
CA ILE A 125 2.11 15.24 -14.47
C ILE A 125 2.07 15.34 -15.98
N ASP A 126 3.21 15.06 -16.62
CA ASP A 126 3.29 15.09 -18.07
C ASP A 126 2.44 14.00 -18.69
N GLN A 127 2.29 12.87 -18.01
CA GLN A 127 1.39 11.83 -18.51
C GLN A 127 -0.06 12.21 -18.27
N GLU A 128 -0.32 13.03 -17.26
CA GLU A 128 -1.69 13.47 -17.00
C GLU A 128 -2.19 14.42 -18.07
N ARG A 129 -1.27 15.20 -18.67
CA ARG A 129 -1.70 16.08 -19.76
C ARG A 129 -2.15 15.27 -20.97
N ILE A 130 -1.44 14.20 -21.30
CA ILE A 130 -1.75 13.41 -22.49
C ILE A 130 -3.08 12.70 -22.32
N THR A 131 -3.34 12.17 -21.13
CA THR A 131 -4.57 11.43 -20.91
C THR A 131 -5.80 12.34 -20.90
N ALA A 132 -5.70 13.47 -20.22
CA ALA A 132 -6.86 14.35 -20.10
C ALA A 132 -7.14 15.08 -21.40
N LEU A 133 -6.10 15.41 -22.16
CA LEU A 133 -6.30 16.11 -23.42
C LEU A 133 -6.90 15.17 -24.46
N LEU A 134 -6.55 13.89 -24.38
CA LEU A 134 -7.11 12.91 -25.32
C LEU A 134 -8.57 12.65 -25.00
N ASN A 135 -8.93 12.65 -23.72
CA ASN A 135 -10.33 12.47 -23.34
C ASN A 135 -11.15 13.69 -23.73
N SER A 136 -10.53 14.87 -23.71
CA SER A 136 -11.19 16.07 -24.21
C SER A 136 -11.50 15.96 -25.69
N LEU A 137 -10.61 15.34 -26.46
CA LEU A 137 -10.90 15.10 -27.86
C LEU A 137 -11.92 13.98 -28.02
N LYS A 138 -11.87 12.99 -27.14
CA LYS A 138 -12.69 11.80 -27.31
C LYS A 138 -14.13 12.03 -26.86
N VAL A 139 -14.30 12.56 -25.66
CA VAL A 139 -15.64 12.75 -25.11
C VAL A 139 -16.31 13.96 -25.75
N LEU A 140 -15.55 15.03 -25.94
CA LEU A 140 -16.16 16.31 -26.29
C LEU A 140 -15.95 16.62 -27.77
N MET B 4 -1.62 45.22 -21.91
CA MET B 4 -2.88 44.51 -21.74
C MET B 4 -2.92 43.42 -22.81
N SER B 5 -1.74 43.12 -23.36
CA SER B 5 -1.63 42.21 -24.50
C SER B 5 -0.88 40.94 -24.15
N VAL B 6 0.35 41.04 -23.64
CA VAL B 6 1.19 39.87 -23.49
C VAL B 6 1.53 39.64 -22.02
N SER B 7 2.28 40.57 -21.44
CA SER B 7 2.77 40.42 -20.07
C SER B 7 1.74 40.83 -19.04
N PHE B 8 0.57 41.20 -19.47
CA PHE B 8 -0.55 41.44 -18.57
C PHE B 8 -1.55 40.31 -18.61
N ARG B 9 -1.89 39.82 -19.80
CA ARG B 9 -2.84 38.72 -19.91
C ARG B 9 -2.24 37.43 -19.39
N ASP B 10 -0.92 37.28 -19.51
CA ASP B 10 -0.25 36.14 -18.90
C ASP B 10 -0.27 36.24 -17.38
N ARG B 11 0.02 37.44 -16.87
CA ARG B 11 0.18 37.61 -15.43
C ARG B 11 -1.15 37.47 -14.70
N VAL B 12 -2.23 38.01 -15.25
CA VAL B 12 -3.54 37.90 -14.62
C VAL B 12 -4.03 36.46 -14.59
N LEU B 13 -3.76 35.70 -15.66
CA LEU B 13 -4.13 34.30 -15.68
C LEU B 13 -3.30 33.47 -14.70
N LYS B 14 -1.99 33.73 -14.64
CA LYS B 14 -1.12 32.94 -13.77
C LYS B 14 -1.40 33.26 -12.31
N LEU B 15 -1.74 34.52 -12.03
CA LEU B 15 -1.96 34.89 -10.64
C LEU B 15 -3.34 34.43 -10.17
N TYR B 16 -4.27 34.27 -11.11
CA TYR B 16 -5.59 33.77 -10.74
C TYR B 16 -5.55 32.30 -10.41
N LEU B 17 -4.77 31.53 -11.17
CA LEU B 17 -4.73 30.09 -10.96
C LEU B 17 -3.93 29.71 -9.73
N LEU B 18 -3.19 30.65 -9.17
CA LEU B 18 -2.58 30.41 -7.87
C LEU B 18 -3.50 30.83 -6.74
N GLY B 19 -4.72 31.23 -7.07
CA GLY B 19 -5.76 31.31 -6.06
C GLY B 19 -5.93 32.67 -5.40
N PHE B 20 -5.75 33.74 -6.17
CA PHE B 20 -6.02 35.08 -5.68
C PHE B 20 -7.35 35.54 -6.25
N ASP B 21 -8.15 36.18 -5.43
CA ASP B 21 -9.37 36.82 -5.89
C ASP B 21 -9.01 38.00 -6.79
N PRO B 22 -9.89 38.41 -7.72
CA PRO B 22 -9.51 39.49 -8.65
C PRO B 22 -9.28 40.84 -8.00
N SER B 23 -9.71 41.02 -6.74
CA SER B 23 -9.31 42.22 -6.01
C SER B 23 -7.82 42.24 -5.76
N GLU B 24 -7.25 41.12 -5.30
CA GLU B 24 -5.83 41.07 -5.00
C GLU B 24 -5.00 41.07 -6.27
N ILE B 25 -5.53 40.48 -7.34
CA ILE B 25 -4.84 40.49 -8.63
C ILE B 25 -4.70 41.92 -9.13
N ALA B 26 -5.73 42.74 -8.89
CA ALA B 26 -5.65 44.16 -9.23
C ALA B 26 -4.61 44.87 -8.40
N GLN B 27 -4.62 44.65 -7.07
CA GLN B 27 -3.81 45.45 -6.17
C GLN B 27 -2.32 45.14 -6.30
N THR B 28 -1.99 43.88 -6.56
CA THR B 28 -0.60 43.52 -6.82
C THR B 28 -0.14 44.09 -8.14
N LEU B 29 -1.03 44.14 -9.13
CA LEU B 29 -0.67 44.74 -10.40
C LEU B 29 -0.97 46.23 -10.46
N SER B 30 -1.59 46.78 -9.41
CA SER B 30 -1.79 48.22 -9.34
C SER B 30 -0.46 48.94 -9.19
N LEU B 31 0.50 48.31 -8.53
CA LEU B 31 1.82 48.88 -8.33
C LEU B 31 2.86 48.31 -9.27
N ASP B 32 2.47 47.38 -10.15
CA ASP B 32 3.41 46.79 -11.09
C ASP B 32 3.90 47.80 -12.11
N ALA B 33 3.02 48.24 -13.01
CA ALA B 33 3.41 49.19 -14.05
C ALA B 33 2.56 50.45 -13.99
N LYS B 34 1.24 50.29 -13.94
CA LYS B 34 0.33 51.40 -14.04
C LYS B 34 0.21 52.14 -12.72
N ARG B 35 -0.58 53.21 -12.71
CA ARG B 35 -0.95 53.86 -11.47
C ARG B 35 -1.93 52.99 -10.70
N LYS B 36 -2.97 52.51 -11.37
CA LYS B 36 -3.92 51.59 -10.76
C LYS B 36 -4.51 50.70 -11.84
N VAL B 37 -4.99 49.54 -11.42
CA VAL B 37 -5.67 48.59 -12.29
C VAL B 37 -7.01 48.30 -11.64
N THR B 38 -8.10 48.58 -12.34
CA THR B 38 -9.41 48.35 -11.77
C THR B 38 -9.73 46.86 -11.77
N GLU B 39 -10.69 46.48 -10.91
CA GLU B 39 -11.10 45.09 -10.80
C GLU B 39 -11.78 44.61 -12.09
N GLU B 40 -12.53 45.50 -12.74
CA GLU B 40 -13.18 45.14 -13.98
C GLU B 40 -12.18 44.96 -15.12
N GLU B 41 -11.07 45.70 -15.05
CA GLU B 41 -9.98 45.49 -16.00
C GLU B 41 -9.37 44.11 -15.83
N VAL B 42 -9.28 43.64 -14.60
CA VAL B 42 -8.81 42.29 -14.34
C VAL B 42 -9.85 41.27 -14.78
N LEU B 43 -11.11 41.48 -14.38
CA LEU B 43 -12.15 40.49 -14.58
C LEU B 43 -12.54 40.37 -16.05
N HIS B 44 -12.31 41.41 -16.85
CA HIS B 44 -12.52 41.30 -18.29
C HIS B 44 -11.53 40.34 -18.92
N VAL B 45 -10.27 40.37 -18.47
CA VAL B 45 -9.23 39.54 -19.06
C VAL B 45 -9.44 38.08 -18.69
N LEU B 46 -9.87 37.82 -17.45
CA LEU B 46 -10.10 36.46 -16.99
C LEU B 46 -11.22 35.78 -17.76
N ALA B 47 -12.28 36.53 -18.07
CA ALA B 47 -13.34 35.98 -18.90
C ALA B 47 -12.88 35.85 -20.35
N GLU B 48 -12.00 36.75 -20.77
CA GLU B 48 -11.46 36.69 -22.13
C GLU B 48 -10.54 35.50 -22.29
N ALA B 49 -9.63 35.29 -21.34
CA ALA B 49 -8.69 34.18 -21.45
C ALA B 49 -9.36 32.85 -21.13
N ARG B 50 -10.54 32.88 -20.51
CA ARG B 50 -11.29 31.66 -20.25
C ARG B 50 -11.67 30.97 -21.55
N GLU B 51 -12.11 31.75 -22.53
CA GLU B 51 -12.52 31.18 -23.80
C GLU B 51 -11.33 30.77 -24.65
N LEU B 52 -10.16 31.37 -24.39
CA LEU B 52 -8.93 30.95 -25.05
C LEU B 52 -8.58 29.55 -24.60
N LEU B 53 -8.62 29.32 -23.29
CA LEU B 53 -8.35 28.00 -22.74
C LEU B 53 -9.45 27.00 -23.06
N SER B 54 -10.66 27.47 -23.37
CA SER B 54 -11.78 26.58 -23.63
C SER B 54 -11.71 25.92 -25.00
N ALA B 55 -10.70 26.21 -25.80
CA ALA B 55 -10.60 25.65 -27.14
C ALA B 55 -10.26 24.17 -27.09
N LEU B 56 -10.39 23.52 -28.24
CA LEU B 56 -10.13 22.09 -28.35
C LEU B 56 -8.77 21.89 -28.99
N PRO B 57 -8.08 20.78 -28.71
CA PRO B 57 -6.78 20.56 -29.35
C PRO B 57 -6.92 20.05 -30.77
N SER B 58 -5.81 19.86 -31.46
CA SER B 58 -5.82 19.19 -32.74
C SER B 58 -5.10 17.86 -32.58
N LEU B 59 -5.16 17.04 -33.62
CA LEU B 59 -4.58 15.71 -33.54
C LEU B 59 -3.06 15.80 -33.60
N GLU B 60 -2.55 16.76 -34.36
CA GLU B 60 -1.11 17.00 -34.39
C GLU B 60 -0.67 17.75 -33.15
N ASP B 61 -1.60 18.47 -32.51
CA ASP B 61 -1.27 19.16 -31.28
C ASP B 61 -0.98 18.18 -30.16
N ILE B 62 -1.74 17.09 -30.11
CA ILE B 62 -1.49 16.05 -29.12
C ILE B 62 -0.16 15.34 -29.39
N ARG B 63 0.22 15.24 -30.67
CA ARG B 63 1.49 14.62 -31.03
C ARG B 63 2.68 15.45 -30.55
N ALA B 64 2.46 16.74 -30.27
CA ALA B 64 3.55 17.57 -29.80
C ALA B 64 3.96 17.19 -28.38
N GLU B 65 2.99 16.99 -27.48
CA GLU B 65 3.35 16.67 -26.11
C GLU B 65 3.90 15.26 -25.99
N VAL B 66 3.32 14.31 -26.73
CA VAL B 66 3.78 12.93 -26.69
C VAL B 66 5.20 12.84 -27.23
N GLY B 67 5.54 13.70 -28.19
CA GLY B 67 6.94 13.88 -28.54
C GLY B 67 7.74 14.46 -27.40
N GLN B 68 7.19 15.47 -26.72
CA GLN B 68 7.94 16.12 -25.67
C GLN B 68 8.00 15.29 -24.40
N ALA B 69 6.95 14.49 -24.13
CA ALA B 69 6.92 13.71 -22.91
C ALA B 69 7.95 12.60 -22.94
N LEU B 70 8.15 12.00 -24.12
CA LEU B 70 9.17 10.98 -24.24
C LEU B 70 10.56 11.59 -24.18
N GLU B 71 10.69 12.84 -24.60
CA GLU B 71 11.99 13.47 -24.52
C GLU B 71 12.28 13.96 -23.10
N ARG B 72 11.23 14.23 -22.32
CA ARG B 72 11.39 14.40 -20.88
C ARG B 72 12.00 13.17 -20.24
N ALA B 73 11.62 11.99 -20.72
CA ALA B 73 12.13 10.74 -20.16
C ALA B 73 13.62 10.58 -20.41
N ARG B 74 14.07 10.89 -21.63
CA ARG B 74 15.46 10.64 -21.98
C ARG B 74 16.40 11.58 -21.25
N ILE B 75 15.93 12.77 -20.88
CA ILE B 75 16.75 13.67 -20.10
C ILE B 75 16.89 13.11 -18.68
N PHE B 76 15.83 12.50 -18.17
CA PHE B 76 15.89 11.99 -16.81
C PHE B 76 16.70 10.70 -16.74
N GLN B 77 16.69 9.89 -17.79
CA GLN B 77 17.52 8.69 -17.79
C GLN B 77 19.00 9.03 -17.88
N LYS B 78 19.35 10.16 -18.51
CA LYS B 78 20.74 10.58 -18.49
C LYS B 78 21.17 11.01 -17.11
N ASP B 79 20.21 11.43 -16.28
CA ASP B 79 20.54 11.80 -14.92
C ASP B 79 20.63 10.59 -14.00
N LEU B 80 19.65 9.68 -14.11
CA LEU B 80 19.57 8.59 -13.14
C LEU B 80 20.68 7.56 -13.38
N LEU B 81 20.99 7.30 -14.63
CA LEU B 81 22.08 6.38 -14.97
C LEU B 81 23.42 6.95 -14.52
N ALA B 82 23.54 8.28 -14.52
CA ALA B 82 24.73 8.90 -13.96
C ALA B 82 24.76 8.74 -12.46
N ILE B 83 23.59 8.74 -11.82
CA ILE B 83 23.54 8.49 -10.39
C ILE B 83 23.84 7.03 -10.10
N TYR B 84 23.21 6.13 -10.87
CA TYR B 84 23.30 4.69 -10.63
C TYR B 84 24.72 4.18 -10.73
N GLN B 85 25.47 4.66 -11.72
CA GLN B 85 26.89 4.33 -11.79
C GLN B 85 27.64 4.91 -10.61
N ASN B 86 27.30 6.12 -10.21
CA ASN B 86 28.04 6.76 -9.15
C ASN B 86 27.52 6.36 -7.78
N MET B 87 26.38 5.67 -7.76
CA MET B 87 25.94 5.04 -6.52
C MET B 87 26.54 3.65 -6.39
N LEU B 88 26.68 2.95 -7.51
CA LEU B 88 27.28 1.62 -7.48
C LEU B 88 28.77 1.69 -7.23
N ARG B 89 29.37 2.85 -7.52
CA ARG B 89 30.75 3.10 -7.12
C ARG B 89 30.88 3.09 -5.60
N ASN B 90 29.95 3.75 -4.91
CA ASN B 90 30.02 3.82 -3.45
C ASN B 90 29.72 2.49 -2.79
N TYR B 91 29.01 1.59 -3.46
CA TYR B 91 28.71 0.32 -2.82
C TYR B 91 29.92 -0.58 -2.79
N ASN B 92 30.70 -0.60 -3.87
CA ASN B 92 31.91 -1.42 -3.89
C ASN B 92 32.96 -0.88 -2.96
N ALA B 93 33.14 0.44 -2.92
CA ALA B 93 34.14 1.04 -2.06
C ALA B 93 33.77 0.97 -0.58
N MET B 94 32.48 0.90 -0.27
CA MET B 94 32.08 0.66 1.11
C MET B 94 32.37 -0.76 1.53
N MET B 95 32.21 -1.69 0.58
CA MET B 95 32.42 -3.10 0.88
C MET B 95 33.88 -3.41 1.16
N GLU B 96 34.79 -2.74 0.42
CA GLU B 96 36.21 -2.98 0.63
C GLU B 96 36.71 -2.36 1.92
N GLY B 97 35.94 -1.45 2.50
CA GLY B 97 36.31 -0.78 3.71
C GLY B 97 36.96 0.56 3.51
N LEU B 98 36.96 1.08 2.31
CA LEU B 98 37.60 2.35 2.01
C LEU B 98 36.71 3.47 2.55
N THR B 99 37.23 4.24 3.50
CA THR B 99 36.48 5.39 4.00
C THR B 99 36.40 6.47 2.94
N GLU B 100 37.43 6.60 2.12
CA GLU B 100 37.41 7.52 1.00
C GLU B 100 37.70 6.76 -0.28
N HIS B 101 37.27 7.34 -1.37
CA HIS B 101 37.63 6.93 -2.71
C HIS B 101 39.11 7.21 -2.96
N PRO B 102 39.72 6.60 -4.00
CA PRO B 102 41.11 6.94 -4.33
C PRO B 102 41.30 8.38 -4.79
N ASP B 103 40.21 9.05 -5.17
CA ASP B 103 40.23 10.48 -5.43
C ASP B 103 40.18 11.30 -4.15
N GLY B 104 40.07 10.66 -2.98
CA GLY B 104 39.95 11.38 -1.73
C GLY B 104 38.55 11.80 -1.38
N THR B 105 37.59 11.60 -2.25
CA THR B 105 36.20 11.98 -1.98
C THR B 105 35.60 11.01 -0.96
N PRO B 106 34.70 11.46 -0.09
CA PRO B 106 34.15 10.55 0.94
C PRO B 106 33.26 9.47 0.37
N VAL B 107 33.13 8.37 1.10
CA VAL B 107 32.30 7.25 0.69
C VAL B 107 31.01 7.29 1.50
N ILE B 108 29.90 7.39 0.81
CA ILE B 108 28.60 7.49 1.44
C ILE B 108 27.97 6.11 1.45
N GLY B 109 27.31 5.76 2.55
CA GLY B 109 26.76 4.42 2.71
C GLY B 109 25.53 4.20 1.85
N VAL B 110 25.50 3.07 1.16
CA VAL B 110 24.40 2.70 0.28
C VAL B 110 23.96 1.29 0.63
N ARG B 111 22.70 1.13 0.96
CA ARG B 111 22.18 -0.20 1.21
C ARG B 111 21.92 -0.93 -0.11
N PRO B 112 21.98 -2.26 -0.11
CA PRO B 112 21.75 -2.99 -1.36
C PRO B 112 20.32 -2.93 -1.85
N ALA B 113 19.36 -2.71 -0.96
CA ALA B 113 17.98 -2.55 -1.43
C ALA B 113 17.74 -1.19 -2.04
N ASP B 114 18.66 -0.25 -1.87
CA ASP B 114 18.54 1.08 -2.45
C ASP B 114 18.95 1.06 -3.92
N ILE B 115 19.96 0.25 -4.26
CA ILE B 115 20.38 0.09 -5.65
C ILE B 115 19.27 -0.56 -6.46
N ALA B 116 18.54 -1.48 -5.83
CA ALA B 116 17.42 -2.13 -6.49
C ALA B 116 16.27 -1.16 -6.74
N ALA B 117 16.19 -0.10 -5.93
CA ALA B 117 15.17 0.92 -6.17
C ALA B 117 15.47 1.72 -7.43
N MET B 118 16.72 2.16 -7.58
CA MET B 118 17.10 2.93 -8.75
C MET B 118 17.12 2.07 -10.01
N ALA B 119 17.35 0.77 -9.85
CA ALA B 119 17.23 -0.12 -11.00
C ALA B 119 15.80 -0.21 -11.46
N ASP B 120 14.85 -0.18 -10.53
CA ASP B 120 13.46 -0.31 -10.90
C ASP B 120 12.91 0.99 -11.49
N ARG B 121 13.44 2.13 -11.04
CA ARG B 121 13.00 3.41 -11.58
C ARG B 121 13.39 3.55 -13.03
N ILE B 122 14.58 3.09 -13.40
CA ILE B 122 15.08 3.25 -14.76
C ILE B 122 14.27 2.38 -15.72
N MET B 123 14.10 1.11 -15.38
CA MET B 123 13.36 0.21 -16.27
C MET B 123 11.88 0.52 -16.27
N LYS B 124 11.39 1.27 -15.29
CA LYS B 124 10.03 1.79 -15.36
C LYS B 124 9.92 2.82 -16.45
N ILE B 125 10.91 3.73 -16.52
CA ILE B 125 10.89 4.80 -17.52
C ILE B 125 11.05 4.22 -18.92
N ASP B 126 11.94 3.25 -19.05
CA ASP B 126 12.16 2.59 -20.33
C ASP B 126 10.94 1.83 -20.79
N GLN B 127 10.16 1.30 -19.85
CA GLN B 127 8.92 0.65 -20.22
C GLN B 127 7.84 1.67 -20.56
N GLU B 128 7.95 2.88 -20.01
CA GLU B 128 6.98 3.92 -20.33
C GLU B 128 7.15 4.43 -21.74
N ARG B 129 8.38 4.39 -22.28
CA ARG B 129 8.58 4.78 -23.66
C ARG B 129 7.90 3.82 -24.61
N ILE B 130 7.99 2.52 -24.34
CA ILE B 130 7.43 1.51 -25.24
C ILE B 130 5.92 1.59 -25.26
N THR B 131 5.30 1.81 -24.09
CA THR B 131 3.84 1.84 -24.02
C THR B 131 3.28 3.09 -24.67
N ALA B 132 3.88 4.24 -24.41
CA ALA B 132 3.33 5.49 -24.94
C ALA B 132 3.59 5.62 -26.44
N LEU B 133 4.72 5.09 -26.91
CA LEU B 133 5.03 5.18 -28.33
C LEU B 133 4.13 4.26 -29.12
N LEU B 134 3.76 3.12 -28.54
CA LEU B 134 2.87 2.19 -29.21
C LEU B 134 1.46 2.74 -29.28
N ASN B 135 1.03 3.45 -28.25
CA ASN B 135 -0.29 4.08 -28.26
C ASN B 135 -0.33 5.21 -29.27
N SER B 136 0.81 5.90 -29.45
CA SER B 136 0.91 6.91 -30.49
C SER B 136 0.75 6.31 -31.87
N LEU B 137 1.25 5.10 -32.08
CA LEU B 137 1.01 4.43 -33.35
C LEU B 137 -0.42 3.91 -33.43
N LYS B 138 -0.97 3.49 -32.29
CA LYS B 138 -2.27 2.83 -32.30
C LYS B 138 -3.41 3.82 -32.40
N VAL B 139 -3.40 4.84 -31.56
CA VAL B 139 -4.50 5.80 -31.53
C VAL B 139 -4.38 6.77 -32.70
N LEU B 140 -3.18 7.21 -33.00
CA LEU B 140 -3.00 8.32 -33.92
C LEU B 140 -2.52 7.84 -35.28
N MET C 4 23.89 26.50 -35.36
CA MET C 4 22.44 26.58 -35.33
C MET C 4 21.93 25.26 -35.92
N SER C 5 22.82 24.26 -35.97
CA SER C 5 22.54 23.00 -36.65
C SER C 5 22.50 21.84 -35.67
N VAL C 6 23.56 21.61 -34.89
CA VAL C 6 23.65 20.39 -34.10
C VAL C 6 23.70 20.72 -32.62
N SER C 7 24.77 21.38 -32.20
CA SER C 7 25.00 21.66 -30.79
C SER C 7 24.25 22.88 -30.31
N PHE C 8 23.47 23.49 -31.16
CA PHE C 8 22.58 24.55 -30.76
C PHE C 8 21.13 24.09 -30.72
N ARG C 9 20.69 23.32 -31.71
CA ARG C 9 19.32 22.83 -31.71
C ARG C 9 19.12 21.78 -30.61
N ASP C 10 20.18 21.04 -30.29
CA ASP C 10 20.11 20.12 -29.16
C ASP C 10 20.03 20.89 -27.85
N ARG C 11 20.85 21.94 -27.71
CA ARG C 11 20.95 22.63 -26.43
C ARG C 11 19.69 23.42 -26.13
N VAL C 12 19.10 24.08 -27.13
CA VAL C 12 17.88 24.84 -26.91
C VAL C 12 16.71 23.93 -26.53
N LEU C 13 16.64 22.75 -27.14
CA LEU C 13 15.59 21.79 -26.79
C LEU C 13 15.80 21.22 -25.39
N LYS C 14 17.03 20.88 -25.05
CA LYS C 14 17.29 20.28 -23.74
C LYS C 14 17.11 21.29 -22.63
N LEU C 15 17.45 22.55 -22.91
CA LEU C 15 17.33 23.56 -21.86
C LEU C 15 15.89 24.00 -21.70
N TYR C 16 15.08 23.87 -22.74
CA TYR C 16 13.67 24.22 -22.64
C TYR C 16 12.92 23.18 -21.82
N LEU C 17 13.25 21.90 -22.01
CA LEU C 17 12.52 20.84 -21.32
C LEU C 17 12.90 20.75 -19.87
N LEU C 18 13.98 21.42 -19.46
CA LEU C 18 14.27 21.54 -18.04
C LEU C 18 13.61 22.77 -17.45
N GLY C 19 12.79 23.46 -18.23
CA GLY C 19 11.87 24.43 -17.67
C GLY C 19 12.38 25.85 -17.59
N PHE C 20 13.14 26.28 -18.58
CA PHE C 20 13.57 27.67 -18.69
C PHE C 20 12.72 28.35 -19.75
N ASP C 21 12.29 29.56 -19.47
CA ASP C 21 11.62 30.39 -20.46
C ASP C 21 12.62 30.76 -21.56
N PRO C 22 12.17 31.05 -22.79
CA PRO C 22 13.12 31.32 -23.88
C PRO C 22 13.96 32.57 -23.70
N SER C 23 13.59 33.46 -22.76
CA SER C 23 14.48 34.55 -22.40
C SER C 23 15.75 34.02 -21.75
N GLU C 24 15.61 33.10 -20.79
CA GLU C 24 16.78 32.59 -20.09
C GLU C 24 17.59 31.65 -20.97
N ILE C 25 16.92 30.95 -21.89
CA ILE C 25 17.61 30.09 -22.84
C ILE C 25 18.51 30.93 -23.74
N ALA C 26 18.04 32.13 -24.10
CA ALA C 26 18.87 33.04 -24.86
C ALA C 26 20.06 33.54 -24.06
N GLN C 27 19.82 33.94 -22.81
CA GLN C 27 20.85 34.62 -22.03
C GLN C 27 21.96 33.67 -21.61
N THR C 28 21.62 32.42 -21.30
CA THR C 28 22.64 31.43 -21.00
C THR C 28 23.45 31.09 -22.24
N LEU C 29 22.79 31.08 -23.40
CA LEU C 29 23.52 30.83 -24.64
C LEU C 29 24.03 32.11 -25.29
N SER C 30 23.69 33.27 -24.74
CA SER C 30 24.27 34.52 -25.22
C SER C 30 25.77 34.57 -24.95
N LEU C 31 26.20 33.95 -23.86
CA LEU C 31 27.60 33.92 -23.48
C LEU C 31 28.27 32.59 -23.83
N ASP C 32 27.53 31.65 -24.40
CA ASP C 32 28.10 30.36 -24.76
C ASP C 32 29.13 30.48 -25.88
N ALA C 33 28.68 30.81 -27.09
CA ALA C 33 29.58 30.93 -28.22
C ALA C 33 29.51 32.31 -28.85
N LYS C 34 28.30 32.77 -29.13
CA LYS C 34 28.10 34.00 -29.88
C LYS C 34 28.28 35.22 -28.99
N ARG C 35 28.16 36.40 -29.58
CA ARG C 35 28.07 37.62 -28.80
C ARG C 35 26.73 37.71 -28.10
N LYS C 36 25.65 37.49 -28.84
CA LYS C 36 24.32 37.45 -28.26
C LYS C 36 23.44 36.53 -29.09
N VAL C 37 22.40 36.00 -28.47
CA VAL C 37 21.40 35.18 -29.12
C VAL C 37 20.06 35.82 -28.83
N THR C 38 19.33 36.20 -29.87
CA THR C 38 18.04 36.85 -29.67
C THR C 38 17.00 35.82 -29.25
N GLU C 39 15.92 36.31 -28.64
CA GLU C 39 14.84 35.44 -28.19
C GLU C 39 14.12 34.80 -29.37
N GLU C 40 13.99 35.52 -30.47
CA GLU C 40 13.34 34.97 -31.65
C GLU C 40 14.20 33.90 -32.31
N GLU C 41 15.53 34.02 -32.19
CA GLU C 41 16.43 32.97 -32.64
C GLU C 41 16.22 31.70 -31.83
N VAL C 42 15.95 31.83 -30.54
CA VAL C 42 15.63 30.68 -29.71
C VAL C 42 14.25 30.14 -30.07
N LEU C 43 13.26 31.03 -30.14
CA LEU C 43 11.87 30.62 -30.30
C LEU C 43 11.59 30.03 -31.67
N HIS C 44 12.39 30.41 -32.67
CA HIS C 44 12.27 29.77 -33.99
C HIS C 44 12.68 28.30 -33.93
N VAL C 45 13.74 27.99 -33.16
CA VAL C 45 14.24 26.62 -33.10
C VAL C 45 13.27 25.73 -32.33
N LEU C 46 12.67 26.26 -31.27
CA LEU C 46 11.73 25.50 -30.46
C LEU C 46 10.48 25.12 -31.24
N ALA C 47 9.99 26.02 -32.09
CA ALA C 47 8.88 25.68 -32.94
C ALA C 47 9.32 24.73 -34.05
N GLU C 48 10.58 24.88 -34.50
CA GLU C 48 11.11 23.98 -35.52
C GLU C 48 11.29 22.58 -34.99
N ALA C 49 11.88 22.45 -33.80
CA ALA C 49 12.12 21.12 -33.24
C ALA C 49 10.84 20.51 -32.70
N ARG C 50 9.80 21.32 -32.50
CA ARG C 50 8.50 20.80 -32.07
C ARG C 50 7.93 19.84 -33.10
N GLU C 51 8.05 20.21 -34.38
CA GLU C 51 7.50 19.38 -35.44
C GLU C 51 8.37 18.18 -35.71
N LEU C 52 9.65 18.24 -35.33
CA LEU C 52 10.54 17.09 -35.42
C LEU C 52 10.07 16.03 -34.43
N LEU C 53 9.82 16.45 -33.19
CA LEU C 53 9.31 15.55 -32.18
C LEU C 53 7.89 15.11 -32.44
N SER C 54 7.14 15.86 -33.23
CA SER C 54 5.74 15.52 -33.49
C SER C 54 5.56 14.38 -34.47
N ALA C 55 6.65 13.81 -34.99
CA ALA C 55 6.55 12.73 -35.96
C ALA C 55 6.07 11.44 -35.30
N LEU C 56 5.71 10.48 -36.14
CA LEU C 56 5.20 9.20 -35.69
C LEU C 56 6.31 8.16 -35.78
N PRO C 57 6.30 7.12 -34.95
CA PRO C 57 7.35 6.11 -35.06
C PRO C 57 7.08 5.14 -36.20
N SER C 58 7.99 4.20 -36.42
CA SER C 58 7.73 3.10 -37.34
C SER C 58 7.65 1.82 -36.53
N LEU C 59 7.26 0.74 -37.20
CA LEU C 59 7.06 -0.51 -36.50
C LEU C 59 8.41 -1.13 -36.13
N GLU C 60 9.40 -0.94 -37.00
CA GLU C 60 10.75 -1.39 -36.68
C GLU C 60 11.41 -0.44 -35.70
N ASP C 61 10.94 0.81 -35.65
CA ASP C 61 11.47 1.76 -34.69
C ASP C 61 11.12 1.37 -33.27
N ILE C 62 9.91 0.86 -33.07
CA ILE C 62 9.50 0.37 -31.76
C ILE C 62 10.28 -0.87 -31.37
N ARG C 63 10.66 -1.69 -32.35
CA ARG C 63 11.45 -2.89 -32.09
C ARG C 63 12.85 -2.55 -31.61
N ALA C 64 13.32 -1.32 -31.87
CA ALA C 64 14.64 -0.92 -31.41
C ALA C 64 14.68 -0.77 -29.89
N GLU C 65 13.68 -0.11 -29.30
CA GLU C 65 13.70 0.10 -27.86
C GLU C 65 13.42 -1.19 -27.11
N VAL C 66 12.51 -2.02 -27.63
CA VAL C 66 12.18 -3.28 -26.98
C VAL C 66 13.38 -4.21 -27.01
N GLY C 67 14.19 -4.10 -28.06
CA GLY C 67 15.51 -4.73 -28.03
C GLY C 67 16.40 -4.11 -26.97
N GLN C 68 16.39 -2.79 -26.87
CA GLN C 68 17.29 -2.12 -25.93
C GLN C 68 16.79 -2.24 -24.50
N ALA C 69 15.48 -2.29 -24.30
CA ALA C 69 14.95 -2.35 -22.94
C ALA C 69 15.25 -3.68 -22.29
N LEU C 70 15.21 -4.76 -23.07
CA LEU C 70 15.56 -6.06 -22.53
C LEU C 70 17.05 -6.17 -22.29
N GLU C 71 17.84 -5.41 -23.05
CA GLU C 71 19.27 -5.45 -22.81
C GLU C 71 19.66 -4.57 -21.63
N ARG C 72 18.84 -3.55 -21.34
CA ARG C 72 18.95 -2.85 -20.06
C ARG C 72 18.77 -3.79 -18.89
N ALA C 73 17.88 -4.78 -19.03
CA ALA C 73 17.62 -5.72 -17.94
C ALA C 73 18.83 -6.60 -17.68
N ARG C 74 19.47 -7.09 -18.74
CA ARG C 74 20.56 -8.05 -18.56
C ARG C 74 21.79 -7.39 -17.95
N ILE C 75 21.96 -6.10 -18.17
CA ILE C 75 23.07 -5.40 -17.52
C ILE C 75 22.80 -5.26 -16.04
N PHE C 76 21.53 -5.06 -15.68
CA PHE C 76 21.19 -4.89 -14.28
C PHE C 76 21.21 -6.21 -13.53
N GLN C 77 20.87 -7.32 -14.20
CA GLN C 77 20.96 -8.61 -13.54
C GLN C 77 22.41 -9.02 -13.31
N LYS C 78 23.33 -8.57 -14.15
CA LYS C 78 24.74 -8.84 -13.87
C LYS C 78 25.21 -8.07 -12.65
N ASP C 79 24.55 -6.96 -12.34
CA ASP C 79 24.91 -6.20 -11.16
C ASP C 79 24.28 -6.79 -9.91
N LEU C 80 22.99 -7.13 -9.96
CA LEU C 80 22.28 -7.52 -8.75
C LEU C 80 22.70 -8.91 -8.29
N LEU C 81 22.94 -9.81 -9.23
CA LEU C 81 23.42 -11.15 -8.89
C LEU C 81 24.81 -11.09 -8.30
N ALA C 82 25.61 -10.10 -8.72
CA ALA C 82 26.89 -9.87 -8.09
C ALA C 82 26.71 -9.35 -6.67
N ILE C 83 25.66 -8.56 -6.45
CA ILE C 83 25.38 -8.10 -5.10
C ILE C 83 24.85 -9.24 -4.26
N TYR C 84 23.92 -10.02 -4.82
CA TYR C 84 23.23 -11.08 -4.09
C TYR C 84 24.18 -12.14 -3.59
N GLN C 85 25.15 -12.53 -4.41
CA GLN C 85 26.19 -13.44 -3.94
C GLN C 85 27.04 -12.79 -2.87
N ASN C 86 27.34 -11.51 -3.02
CA ASN C 86 28.23 -10.86 -2.08
C ASN C 86 27.46 -10.34 -0.88
N MET C 87 26.13 -10.38 -0.95
CA MET C 87 25.32 -10.13 0.24
C MET C 87 25.11 -11.42 1.01
N LEU C 88 24.95 -12.52 0.29
CA LEU C 88 24.76 -13.82 0.94
C LEU C 88 26.06 -14.29 1.59
N ARG C 89 27.20 -13.78 1.10
CA ARG C 89 28.46 -14.00 1.78
C ARG C 89 28.44 -13.38 3.18
N ASN C 90 27.94 -12.16 3.29
CA ASN C 90 27.92 -11.49 4.59
C ASN C 90 26.91 -12.10 5.54
N TYR C 91 25.90 -12.80 5.05
CA TYR C 91 24.94 -13.39 5.96
C TYR C 91 25.50 -14.61 6.66
N ASN C 92 26.25 -15.44 5.93
CA ASN C 92 26.85 -16.62 6.54
C ASN C 92 27.95 -16.23 7.52
N ALA C 93 28.78 -15.25 7.14
CA ALA C 93 29.87 -14.83 8.00
C ALA C 93 29.39 -14.08 9.23
N MET C 94 28.24 -13.43 9.15
CA MET C 94 27.66 -12.82 10.35
C MET C 94 27.14 -13.90 11.30
N MET C 95 26.60 -14.97 10.74
CA MET C 95 26.02 -16.03 11.54
C MET C 95 27.10 -16.78 12.32
N GLU C 96 28.26 -16.98 11.70
CA GLU C 96 29.33 -17.69 12.38
C GLU C 96 29.97 -16.85 13.47
N GLY C 97 29.74 -15.54 13.44
CA GLY C 97 30.30 -14.64 14.41
C GLY C 97 31.57 -13.96 13.98
N LEU C 98 31.94 -14.09 12.70
CA LEU C 98 33.16 -13.50 12.19
C LEU C 98 32.94 -12.01 12.03
N THR C 99 33.71 -11.20 12.77
CA THR C 99 33.62 -9.75 12.60
C THR C 99 34.21 -9.33 11.27
N GLU C 100 35.20 -10.05 10.79
CA GLU C 100 35.75 -9.82 9.47
C GLU C 100 35.72 -11.11 8.67
N HIS C 101 35.74 -10.95 7.37
CA HIS C 101 35.95 -12.02 6.42
C HIS C 101 37.38 -12.55 6.55
N PRO C 102 37.65 -13.76 6.01
CA PRO C 102 39.05 -14.24 5.99
C PRO C 102 39.99 -13.40 5.14
N ASP C 103 39.44 -12.57 4.26
CA ASP C 103 40.22 -11.57 3.55
C ASP C 103 40.50 -10.34 4.39
N GLY C 104 39.98 -10.27 5.61
CA GLY C 104 40.14 -9.10 6.45
C GLY C 104 39.14 -8.00 6.22
N THR C 105 38.29 -8.13 5.22
CA THR C 105 37.29 -7.12 4.93
C THR C 105 36.19 -7.16 5.99
N PRO C 106 35.57 -6.03 6.35
CA PRO C 106 34.56 -6.05 7.41
C PRO C 106 33.28 -6.77 7.02
N VAL C 107 32.55 -7.25 8.01
CA VAL C 107 31.30 -7.96 7.79
C VAL C 107 30.15 -7.00 8.11
N ILE C 108 29.31 -6.76 7.13
CA ILE C 108 28.20 -5.83 7.28
C ILE C 108 26.95 -6.63 7.58
N GLY C 109 26.12 -6.12 8.49
CA GLY C 109 24.95 -6.87 8.92
C GLY C 109 23.86 -6.89 7.88
N VAL C 110 23.30 -8.07 7.64
CA VAL C 110 22.24 -8.27 6.65
C VAL C 110 21.11 -9.04 7.32
N ARG C 111 19.92 -8.47 7.30
CA ARG C 111 18.77 -9.17 7.83
C ARG C 111 18.28 -10.22 6.83
N PRO C 112 17.64 -11.29 7.30
CA PRO C 112 17.18 -12.32 6.36
C PRO C 112 16.02 -11.86 5.48
N ALA C 113 15.25 -10.88 5.93
CA ALA C 113 14.20 -10.38 5.05
C ALA C 113 14.74 -9.47 3.96
N ASP C 114 16.00 -9.05 4.06
CA ASP C 114 16.63 -8.22 3.04
C ASP C 114 17.10 -9.07 1.87
N ILE C 115 17.56 -10.29 2.14
CA ILE C 115 17.95 -11.20 1.07
C ILE C 115 16.73 -11.60 0.26
N ALA C 116 15.58 -11.72 0.91
CA ALA C 116 14.34 -12.04 0.21
C ALA C 116 13.89 -10.89 -0.67
N ALA C 117 14.31 -9.66 -0.35
CA ALA C 117 13.98 -8.54 -1.20
C ALA C 117 14.75 -8.59 -2.51
N MET C 118 16.06 -8.86 -2.42
CA MET C 118 16.88 -8.94 -3.62
C MET C 118 16.56 -10.17 -4.44
N ALA C 119 16.07 -11.22 -3.79
CA ALA C 119 15.60 -12.38 -4.54
C ALA C 119 14.37 -12.03 -5.35
N ASP C 120 13.51 -11.19 -4.81
CA ASP C 120 12.27 -10.86 -5.50
C ASP C 120 12.53 -9.87 -6.63
N ARG C 121 13.53 -8.99 -6.47
CA ARG C 121 13.87 -8.04 -7.53
C ARG C 121 14.39 -8.74 -8.76
N ILE C 122 15.20 -9.78 -8.57
CA ILE C 122 15.82 -10.48 -9.69
C ILE C 122 14.76 -11.23 -10.49
N MET C 123 13.92 -12.00 -9.81
CA MET C 123 12.91 -12.78 -10.50
C MET C 123 11.80 -11.90 -11.05
N LYS C 124 11.69 -10.66 -10.57
CA LYS C 124 10.81 -9.70 -11.21
C LYS C 124 11.34 -9.32 -12.58
N ILE C 125 12.66 -9.07 -12.66
CA ILE C 125 13.28 -8.67 -13.91
C ILE C 125 13.23 -9.81 -14.91
N ASP C 126 13.48 -11.02 -14.44
CA ASP C 126 13.45 -12.20 -15.29
C ASP C 126 12.05 -12.47 -15.80
N GLN C 127 11.04 -12.13 -15.01
CA GLN C 127 9.67 -12.27 -15.48
C GLN C 127 9.31 -11.14 -16.45
N GLU C 128 9.98 -10.00 -16.34
CA GLU C 128 9.72 -8.92 -17.27
C GLU C 128 10.25 -9.22 -18.66
N ARG C 129 11.32 -10.02 -18.75
CA ARG C 129 11.81 -10.41 -20.07
C ARG C 129 10.80 -11.29 -20.80
N ILE C 130 10.19 -12.23 -20.07
CA ILE C 130 9.26 -13.18 -20.70
C ILE C 130 8.01 -12.46 -21.18
N THR C 131 7.50 -11.51 -20.41
CA THR C 131 6.28 -10.82 -20.78
C THR C 131 6.49 -9.89 -21.96
N ALA C 132 7.58 -9.13 -21.94
CA ALA C 132 7.80 -8.15 -23.00
C ALA C 132 8.20 -8.82 -24.30
N LEU C 133 8.95 -9.93 -24.21
CA LEU C 133 9.37 -10.62 -25.42
C LEU C 133 8.19 -11.32 -26.08
N LEU C 134 7.24 -11.78 -25.27
CA LEU C 134 6.05 -12.43 -25.82
C LEU C 134 5.15 -11.42 -26.49
N ASN C 135 5.06 -10.21 -25.92
CA ASN C 135 4.26 -9.16 -26.55
C ASN C 135 4.90 -8.68 -27.84
N SER C 136 6.23 -8.73 -27.90
CA SER C 136 6.94 -8.44 -29.14
C SER C 136 6.59 -9.46 -30.22
N LEU C 137 6.42 -10.72 -29.85
CA LEU C 137 5.96 -11.70 -30.81
C LEU C 137 4.48 -11.52 -31.13
N LYS C 138 3.70 -11.11 -30.14
CA LYS C 138 2.26 -11.07 -30.30
C LYS C 138 1.81 -9.84 -31.07
N VAL C 139 2.28 -8.66 -30.66
CA VAL C 139 1.84 -7.42 -31.29
C VAL C 139 2.53 -7.24 -32.63
N LEU C 140 3.81 -7.55 -32.70
CA LEU C 140 4.61 -7.16 -33.84
C LEU C 140 4.88 -8.35 -34.75
N MET D 4 37.22 -5.12 -33.39
CA MET D 4 36.01 -4.43 -33.83
C MET D 4 34.95 -5.51 -34.06
N SER D 5 35.20 -6.69 -33.50
CA SER D 5 34.38 -7.86 -33.76
C SER D 5 33.64 -8.33 -32.51
N VAL D 6 34.34 -8.62 -31.43
CA VAL D 6 33.72 -9.27 -30.28
C VAL D 6 33.81 -8.38 -29.05
N SER D 7 35.03 -8.14 -28.57
CA SER D 7 35.24 -7.39 -27.34
C SER D 7 35.20 -5.89 -27.55
N PHE D 8 34.93 -5.46 -28.74
CA PHE D 8 34.68 -4.05 -29.02
C PHE D 8 33.21 -3.77 -29.25
N ARG D 9 32.53 -4.63 -30.01
CA ARG D 9 31.10 -4.43 -30.24
C ARG D 9 30.29 -4.68 -28.98
N ASP D 10 30.78 -5.58 -28.13
CA ASP D 10 30.14 -5.77 -26.83
C ASP D 10 30.36 -4.55 -25.94
N ARG D 11 31.58 -4.02 -25.93
CA ARG D 11 31.92 -2.95 -25.00
C ARG D 11 31.22 -1.64 -25.35
N VAL D 12 31.15 -1.32 -26.65
CA VAL D 12 30.49 -0.10 -27.08
C VAL D 12 28.99 -0.15 -26.79
N LEU D 13 28.36 -1.31 -26.95
CA LEU D 13 26.96 -1.45 -26.62
C LEU D 13 26.70 -1.37 -25.12
N LYS D 14 27.55 -2.03 -24.33
CA LYS D 14 27.34 -2.03 -22.88
C LYS D 14 27.62 -0.67 -22.29
N LEU D 15 28.58 0.05 -22.86
CA LEU D 15 28.91 1.35 -22.30
C LEU D 15 27.90 2.40 -22.73
N TYR D 16 27.24 2.19 -23.87
CA TYR D 16 26.21 3.11 -24.31
C TYR D 16 24.96 2.99 -23.45
N LEU D 17 24.59 1.76 -23.10
CA LEU D 17 23.36 1.54 -22.35
C LEU D 17 23.51 1.95 -20.89
N LEU D 18 24.74 2.18 -20.43
CA LEU D 18 24.92 2.78 -19.12
C LEU D 18 24.94 4.30 -19.21
N GLY D 19 24.68 4.85 -20.39
CA GLY D 19 24.34 6.25 -20.49
C GLY D 19 25.51 7.18 -20.74
N PHE D 20 26.47 6.75 -21.55
CA PHE D 20 27.56 7.61 -21.98
C PHE D 20 27.28 8.05 -23.40
N ASP D 21 27.53 9.31 -23.70
CA ASP D 21 27.47 9.81 -25.06
C ASP D 21 28.61 9.19 -25.87
N PRO D 22 28.47 9.07 -27.20
CA PRO D 22 29.52 8.39 -27.98
C PRO D 22 30.87 9.10 -27.99
N SER D 23 30.93 10.36 -27.56
CA SER D 23 32.23 10.99 -27.34
C SER D 23 32.97 10.32 -26.20
N GLU D 24 32.29 10.08 -25.08
CA GLU D 24 32.95 9.49 -23.93
C GLU D 24 33.24 8.00 -24.16
N ILE D 25 32.38 7.34 -24.94
CA ILE D 25 32.61 5.94 -25.30
C ILE D 25 33.90 5.81 -26.10
N ALA D 26 34.15 6.80 -26.97
CA ALA D 26 35.39 6.83 -27.73
C ALA D 26 36.59 7.05 -26.82
N GLN D 27 36.49 8.02 -25.91
CA GLN D 27 37.65 8.46 -25.14
C GLN D 27 38.07 7.42 -24.11
N THR D 28 37.10 6.72 -23.52
CA THR D 28 37.43 5.63 -22.60
C THR D 28 38.05 4.47 -23.36
N LEU D 29 37.59 4.23 -24.59
CA LEU D 29 38.18 3.17 -25.39
C LEU D 29 39.33 3.67 -26.25
N SER D 30 39.61 4.97 -26.24
CA SER D 30 40.79 5.49 -26.92
C SER D 30 42.06 5.01 -26.25
N LEU D 31 42.01 4.82 -24.94
CA LEU D 31 43.15 4.35 -24.18
C LEU D 31 43.07 2.87 -23.85
N ASP D 32 42.00 2.19 -24.25
CA ASP D 32 41.86 0.77 -23.98
C ASP D 32 42.89 -0.07 -24.71
N ALA D 33 42.78 -0.15 -26.03
CA ALA D 33 43.71 -0.95 -26.81
C ALA D 33 44.43 -0.12 -27.87
N LYS D 34 43.66 0.65 -28.63
CA LYS D 34 44.20 1.38 -29.77
C LYS D 34 44.90 2.65 -29.33
N ARG D 35 45.46 3.36 -30.30
CA ARG D 35 45.94 4.70 -30.04
C ARG D 35 44.78 5.66 -29.84
N LYS D 36 43.82 5.63 -30.76
CA LYS D 36 42.61 6.44 -30.62
C LYS D 36 41.47 5.72 -31.31
N VAL D 37 40.25 6.04 -30.89
CA VAL D 37 39.03 5.53 -31.49
C VAL D 37 38.20 6.75 -31.85
N THR D 38 37.86 6.90 -33.13
CA THR D 38 37.08 8.05 -33.55
C THR D 38 35.62 7.88 -33.14
N GLU D 39 34.92 9.00 -33.08
CA GLU D 39 33.51 8.98 -32.71
C GLU D 39 32.67 8.26 -33.75
N GLU D 40 33.03 8.41 -35.02
CA GLU D 40 32.30 7.73 -36.09
C GLU D 40 32.53 6.22 -36.04
N GLU D 41 33.71 5.81 -35.58
CA GLU D 41 33.97 4.39 -35.36
C GLU D 41 33.06 3.83 -34.29
N VAL D 42 32.79 4.63 -33.25
CA VAL D 42 31.85 4.23 -32.22
C VAL D 42 30.43 4.24 -32.77
N LEU D 43 30.05 5.33 -33.43
CA LEU D 43 28.67 5.54 -33.84
C LEU D 43 28.25 4.59 -34.96
N HIS D 44 29.21 4.10 -35.74
CA HIS D 44 28.90 3.07 -36.73
C HIS D 44 28.48 1.76 -36.06
N VAL D 45 29.15 1.40 -34.97
CA VAL D 45 28.86 0.13 -34.30
C VAL D 45 27.51 0.20 -33.60
N LEU D 46 27.18 1.34 -33.01
CA LEU D 46 25.91 1.50 -32.30
C LEU D 46 24.72 1.40 -33.25
N ALA D 47 24.85 1.95 -34.45
CA ALA D 47 23.79 1.78 -35.44
C ALA D 47 23.79 0.35 -35.98
N GLU D 48 24.97 -0.27 -36.04
CA GLU D 48 25.06 -1.65 -36.50
C GLU D 48 24.43 -2.59 -35.49
N ALA D 49 24.76 -2.44 -34.21
CA ALA D 49 24.22 -3.33 -33.20
C ALA D 49 22.77 -3.02 -32.89
N ARG D 50 22.28 -1.84 -33.29
CA ARG D 50 20.87 -1.50 -33.12
C ARG D 50 19.99 -2.46 -33.90
N GLU D 51 20.39 -2.78 -35.12
CA GLU D 51 19.59 -3.67 -35.95
C GLU D 51 19.73 -5.12 -35.52
N LEU D 52 20.82 -5.45 -34.83
CA LEU D 52 20.99 -6.78 -34.25
C LEU D 52 19.95 -6.97 -33.16
N LEU D 53 19.85 -5.98 -32.27
CA LEU D 53 18.86 -6.04 -31.20
C LEU D 53 17.44 -5.88 -31.71
N SER D 54 17.26 -5.31 -32.89
CA SER D 54 15.93 -5.08 -33.43
C SER D 54 15.26 -6.34 -33.97
N ALA D 55 15.94 -7.48 -33.92
CA ALA D 55 15.37 -8.72 -34.46
C ALA D 55 14.25 -9.24 -33.58
N LEU D 56 13.52 -10.20 -34.10
CA LEU D 56 12.39 -10.79 -33.42
C LEU D 56 12.80 -12.13 -32.82
N PRO D 57 12.18 -12.58 -31.73
CA PRO D 57 12.55 -13.89 -31.18
C PRO D 57 11.92 -15.03 -31.94
N SER D 58 12.23 -16.26 -31.55
CA SER D 58 11.53 -17.42 -32.07
C SER D 58 10.73 -18.03 -30.95
N LEU D 59 9.89 -18.99 -31.30
CA LEU D 59 9.00 -19.59 -30.30
C LEU D 59 9.79 -20.50 -29.37
N GLU D 60 10.82 -21.15 -29.92
CA GLU D 60 11.71 -21.95 -29.08
C GLU D 60 12.67 -21.06 -28.33
N ASP D 61 12.91 -19.86 -28.84
CA ASP D 61 13.79 -18.91 -28.15
C ASP D 61 13.15 -18.45 -26.85
N ILE D 62 11.83 -18.23 -26.86
CA ILE D 62 11.12 -17.85 -25.65
C ILE D 62 11.12 -19.00 -24.65
N ARG D 63 11.10 -20.25 -25.15
CA ARG D 63 11.13 -21.41 -24.26
C ARG D 63 12.45 -21.53 -23.52
N ALA D 64 13.50 -20.89 -24.04
CA ALA D 64 14.79 -20.93 -23.37
C ALA D 64 14.77 -20.17 -22.05
N GLU D 65 14.21 -18.95 -22.06
CA GLU D 65 14.20 -18.17 -20.82
C GLU D 65 13.25 -18.74 -19.80
N VAL D 66 12.08 -19.21 -20.26
CA VAL D 66 11.09 -19.78 -19.35
C VAL D 66 11.64 -21.05 -18.70
N GLY D 67 12.48 -21.78 -19.43
CA GLY D 67 13.27 -22.81 -18.81
C GLY D 67 14.24 -22.25 -17.80
N GLN D 68 14.92 -21.16 -18.17
CA GLN D 68 15.94 -20.62 -17.28
C GLN D 68 15.33 -19.86 -16.11
N ALA D 69 14.17 -19.25 -16.30
CA ALA D 69 13.56 -18.45 -15.23
C ALA D 69 13.08 -19.35 -14.11
N LEU D 70 12.55 -20.53 -14.46
CA LEU D 70 12.12 -21.46 -13.43
C LEU D 70 13.32 -22.07 -12.73
N GLU D 71 14.46 -22.17 -13.42
CA GLU D 71 15.64 -22.71 -12.78
C GLU D 71 16.31 -21.65 -11.91
N ARG D 72 16.12 -20.37 -12.23
CA ARG D 72 16.45 -19.30 -11.31
C ARG D 72 15.72 -19.45 -9.98
N ALA D 73 14.46 -19.90 -10.04
CA ALA D 73 13.66 -20.05 -8.84
C ALA D 73 14.20 -21.15 -7.95
N ARG D 74 14.58 -22.29 -8.53
CA ARG D 74 15.01 -23.42 -7.73
C ARG D 74 16.33 -23.17 -7.04
N ILE D 75 17.18 -22.33 -7.62
CA ILE D 75 18.42 -21.97 -6.95
C ILE D 75 18.12 -21.09 -5.74
N PHE D 76 17.12 -20.23 -5.88
CA PHE D 76 16.79 -19.33 -4.78
C PHE D 76 16.06 -20.05 -3.65
N GLN D 77 15.26 -21.06 -3.98
CA GLN D 77 14.61 -21.83 -2.93
C GLN D 77 15.60 -22.67 -2.15
N LYS D 78 16.70 -23.09 -2.77
CA LYS D 78 17.73 -23.79 -2.02
C LYS D 78 18.43 -22.85 -1.05
N ASP D 79 18.40 -21.55 -1.35
CA ASP D 79 19.00 -20.59 -0.44
C ASP D 79 18.05 -20.22 0.69
N LEU D 80 16.78 -19.96 0.36
CA LEU D 80 15.87 -19.43 1.36
C LEU D 80 15.47 -20.49 2.38
N LEU D 81 15.29 -21.72 1.91
CA LEU D 81 14.97 -22.83 2.81
C LEU D 81 16.14 -23.13 3.73
N ALA D 82 17.36 -22.87 3.26
CA ALA D 82 18.52 -22.98 4.14
C ALA D 82 18.51 -21.86 5.16
N ILE D 83 18.01 -20.68 4.78
CA ILE D 83 17.88 -19.60 5.75
C ILE D 83 16.76 -19.90 6.72
N TYR D 84 15.62 -20.36 6.21
CA TYR D 84 14.42 -20.57 7.01
C TYR D 84 14.64 -21.60 8.11
N GLN D 85 15.34 -22.68 7.80
CA GLN D 85 15.71 -23.65 8.82
C GLN D 85 16.67 -23.02 9.82
N ASN D 86 17.60 -22.22 9.33
CA ASN D 86 18.61 -21.67 10.22
C ASN D 86 18.11 -20.40 10.89
N MET D 87 16.97 -19.89 10.44
CA MET D 87 16.31 -18.82 11.18
C MET D 87 15.40 -19.39 12.24
N LEU D 88 14.75 -20.52 11.94
CA LEU D 88 13.86 -21.16 12.89
C LEU D 88 14.67 -21.82 14.00
N ARG D 89 15.94 -22.11 13.74
CA ARG D 89 16.85 -22.53 14.81
C ARG D 89 17.02 -21.44 15.84
N ASN D 90 17.21 -20.20 15.38
CA ASN D 90 17.42 -19.09 16.30
C ASN D 90 16.18 -18.71 17.06
N TYR D 91 14.99 -19.05 16.56
CA TYR D 91 13.79 -18.69 17.28
C TYR D 91 13.57 -19.58 18.49
N ASN D 92 13.84 -20.87 18.33
CA ASN D 92 13.69 -21.79 19.46
C ASN D 92 14.75 -21.54 20.52
N ALA D 93 15.98 -21.29 20.11
CA ALA D 93 17.06 -21.06 21.05
C ALA D 93 16.94 -19.72 21.75
N MET D 94 16.29 -18.73 21.13
CA MET D 94 16.01 -17.48 21.82
C MET D 94 14.92 -17.68 22.86
N MET D 95 13.96 -18.54 22.57
CA MET D 95 12.84 -18.78 23.47
C MET D 95 13.31 -19.48 24.74
N GLU D 96 14.25 -20.41 24.60
CA GLU D 96 14.73 -21.13 25.78
C GLU D 96 15.61 -20.27 26.65
N GLY D 97 16.09 -19.16 26.12
CA GLY D 97 16.95 -18.26 26.85
C GLY D 97 18.42 -18.47 26.61
N LEU D 98 18.78 -19.29 25.62
CA LEU D 98 20.17 -19.58 25.33
C LEU D 98 20.77 -18.37 24.62
N THR D 99 21.78 -17.75 25.23
CA THR D 99 22.47 -16.65 24.58
C THR D 99 23.30 -17.15 23.41
N GLU D 100 23.82 -18.37 23.53
CA GLU D 100 24.52 -19.00 22.43
C GLU D 100 23.91 -20.36 22.15
N HIS D 101 24.12 -20.81 20.94
CA HIS D 101 23.84 -22.17 20.51
C HIS D 101 24.76 -23.14 21.22
N PRO D 102 24.42 -24.46 21.24
CA PRO D 102 25.35 -25.44 21.81
C PRO D 102 26.67 -25.56 21.04
N ASP D 103 26.70 -25.06 19.81
CA ASP D 103 27.94 -24.92 19.07
C ASP D 103 28.75 -23.71 19.49
N GLY D 104 28.23 -22.89 20.40
CA GLY D 104 28.90 -21.68 20.81
C GLY D 104 28.64 -20.47 19.93
N THR D 105 27.93 -20.66 18.82
CA THR D 105 27.64 -19.54 17.93
C THR D 105 26.58 -18.65 18.56
N PRO D 106 26.61 -17.33 18.32
CA PRO D 106 25.65 -16.43 18.97
C PRO D 106 24.22 -16.62 18.48
N VAL D 107 23.26 -16.24 19.30
CA VAL D 107 21.85 -16.35 18.97
C VAL D 107 21.34 -14.97 18.60
N ILE D 108 20.85 -14.84 17.39
CA ILE D 108 20.37 -13.57 16.87
C ILE D 108 18.85 -13.53 17.04
N GLY D 109 18.33 -12.37 17.43
CA GLY D 109 16.91 -12.25 17.72
C GLY D 109 16.06 -12.26 16.47
N VAL D 110 15.00 -13.06 16.49
CA VAL D 110 14.08 -13.19 15.36
C VAL D 110 12.66 -13.01 15.88
N ARG D 111 11.95 -12.06 15.32
CA ARG D 111 10.55 -11.88 15.68
C ARG D 111 9.68 -12.94 14.99
N PRO D 112 8.55 -13.29 15.58
CA PRO D 112 7.70 -14.31 14.95
C PRO D 112 7.04 -13.84 13.68
N ALA D 113 6.84 -12.54 13.50
CA ALA D 113 6.30 -12.08 12.24
C ALA D 113 7.32 -12.08 11.13
N ASP D 114 8.60 -12.25 11.45
CA ASP D 114 9.66 -12.32 10.45
C ASP D 114 9.71 -13.71 9.82
N ILE D 115 9.46 -14.75 10.62
CA ILE D 115 9.41 -16.11 10.09
C ILE D 115 8.24 -16.25 9.13
N ALA D 116 7.14 -15.55 9.42
CA ALA D 116 5.99 -15.58 8.53
C ALA D 116 6.28 -14.88 7.22
N ALA D 117 7.24 -13.95 7.21
CA ALA D 117 7.61 -13.29 5.97
C ALA D 117 8.36 -14.25 5.05
N MET D 118 9.33 -14.99 5.61
CA MET D 118 10.10 -15.94 4.82
C MET D 118 9.24 -17.14 4.40
N ALA D 119 8.22 -17.47 5.19
CA ALA D 119 7.29 -18.50 4.77
C ALA D 119 6.50 -18.05 3.56
N ASP D 120 6.15 -16.77 3.50
CA ASP D 120 5.34 -16.29 2.40
C ASP D 120 6.17 -16.12 1.14
N ARG D 121 7.46 -15.80 1.29
CA ARG D 121 8.33 -15.66 0.12
C ARG D 121 8.53 -16.98 -0.59
N ILE D 122 8.66 -18.06 0.18
CA ILE D 122 8.92 -19.37 -0.41
C ILE D 122 7.71 -19.86 -1.18
N MET D 123 6.52 -19.80 -0.56
CA MET D 123 5.33 -20.29 -1.22
C MET D 123 4.89 -19.35 -2.34
N LYS D 124 5.40 -18.13 -2.35
CA LYS D 124 5.20 -17.27 -3.51
C LYS D 124 5.97 -17.81 -4.70
N ILE D 125 7.23 -18.21 -4.47
CA ILE D 125 8.08 -18.72 -5.54
C ILE D 125 7.53 -20.03 -6.08
N ASP D 126 7.09 -20.89 -5.15
CA ASP D 126 6.52 -22.17 -5.53
C ASP D 126 5.23 -22.00 -6.32
N GLN D 127 4.47 -20.95 -6.02
CA GLN D 127 3.27 -20.67 -6.80
C GLN D 127 3.64 -20.07 -8.15
N GLU D 128 4.80 -19.41 -8.24
CA GLU D 128 5.22 -18.86 -9.52
C GLU D 128 5.63 -19.94 -10.49
N ARG D 129 6.14 -21.06 -9.99
CA ARG D 129 6.47 -22.17 -10.89
C ARG D 129 5.22 -22.74 -11.54
N ILE D 130 4.15 -22.90 -10.77
CA ILE D 130 2.92 -23.52 -11.27
C ILE D 130 2.27 -22.63 -12.32
N THR D 131 2.26 -21.32 -12.10
CA THR D 131 1.61 -20.41 -13.02
C THR D 131 2.38 -20.29 -14.33
N ALA D 132 3.70 -20.15 -14.25
CA ALA D 132 4.49 -19.95 -15.46
C ALA D 132 4.60 -21.22 -16.27
N LEU D 133 4.65 -22.38 -15.60
CA LEU D 133 4.75 -23.64 -16.31
C LEU D 133 3.45 -23.97 -17.02
N LEU D 134 2.33 -23.57 -16.42
CA LEU D 134 1.03 -23.81 -17.05
C LEU D 134 0.85 -22.92 -18.26
N ASN D 135 1.35 -21.68 -18.20
CA ASN D 135 1.27 -20.79 -19.34
C ASN D 135 2.18 -21.26 -20.46
N SER D 136 3.29 -21.90 -20.11
CA SER D 136 4.15 -22.52 -21.11
C SER D 136 3.42 -23.65 -21.83
N LEU D 137 2.59 -24.39 -21.13
CA LEU D 137 1.79 -25.40 -21.79
C LEU D 137 0.64 -24.77 -22.56
N LYS D 138 0.10 -23.66 -22.05
CA LYS D 138 -1.10 -23.08 -22.65
C LYS D 138 -0.77 -22.25 -23.88
N VAL D 139 0.20 -21.35 -23.77
CA VAL D 139 0.52 -20.47 -24.89
C VAL D 139 1.33 -21.21 -25.93
N LEU D 140 2.26 -22.05 -25.51
CA LEU D 140 3.24 -22.58 -26.43
C LEU D 140 2.93 -24.04 -26.76
N MET E 4 32.20 -34.73 -17.03
CA MET E 4 31.57 -33.87 -18.01
C MET E 4 30.12 -34.37 -18.16
N SER E 5 29.69 -35.15 -17.19
CA SER E 5 28.41 -35.85 -17.26
C SER E 5 27.43 -35.35 -16.20
N VAL E 6 27.79 -35.40 -14.92
CA VAL E 6 26.82 -35.14 -13.86
C VAL E 6 27.25 -33.93 -13.06
N SER E 7 28.36 -34.04 -12.35
CA SER E 7 28.82 -33.00 -11.44
C SER E 7 29.56 -31.89 -12.15
N PHE E 8 29.66 -31.96 -13.45
CA PHE E 8 30.19 -30.87 -14.24
C PHE E 8 29.09 -30.14 -14.98
N ARG E 9 28.14 -30.85 -15.57
CA ARG E 9 27.04 -30.19 -16.27
C ARG E 9 26.11 -29.49 -15.29
N ASP E 10 25.99 -30.02 -14.08
CA ASP E 10 25.23 -29.33 -13.05
C ASP E 10 25.96 -28.06 -12.60
N ARG E 11 27.27 -28.16 -12.41
CA ARG E 11 28.02 -27.04 -11.85
C ARG E 11 28.13 -25.89 -12.82
N VAL E 12 28.34 -26.17 -14.11
CA VAL E 12 28.44 -25.11 -15.11
C VAL E 12 27.11 -24.39 -15.27
N LEU E 13 26.00 -25.11 -15.20
CA LEU E 13 24.69 -24.48 -15.28
C LEU E 13 24.38 -23.64 -14.04
N LYS E 14 24.70 -24.16 -12.86
CA LYS E 14 24.39 -23.45 -11.63
C LYS E 14 25.27 -22.23 -11.50
N LEU E 15 26.51 -22.31 -11.95
CA LEU E 15 27.40 -21.18 -11.81
C LEU E 15 27.11 -20.11 -12.84
N TYR E 16 26.54 -20.50 -13.98
CA TYR E 16 26.16 -19.53 -14.99
C TYR E 16 24.96 -18.72 -14.56
N LEU E 17 23.98 -19.38 -13.93
CA LEU E 17 22.76 -18.69 -13.56
C LEU E 17 22.96 -17.79 -12.35
N LEU E 18 24.09 -17.93 -11.65
CA LEU E 18 24.43 -16.95 -10.64
C LEU E 18 25.24 -15.79 -11.23
N GLY E 19 25.39 -15.77 -12.55
CA GLY E 19 25.83 -14.56 -13.21
C GLY E 19 27.33 -14.44 -13.41
N PHE E 20 28.00 -15.54 -13.70
CA PHE E 20 29.41 -15.51 -14.06
C PHE E 20 29.52 -15.69 -15.55
N ASP E 21 30.40 -14.92 -16.18
CA ASP E 21 30.73 -15.11 -17.58
C ASP E 21 31.46 -16.44 -17.75
N PRO E 22 31.41 -17.06 -18.93
CA PRO E 22 32.02 -18.39 -19.09
C PRO E 22 33.54 -18.41 -18.94
N SER E 23 34.20 -17.25 -18.98
CA SER E 23 35.60 -17.20 -18.61
C SER E 23 35.80 -17.54 -17.14
N GLU E 24 35.00 -16.95 -16.26
CA GLU E 24 35.16 -17.19 -14.83
C GLU E 24 34.66 -18.58 -14.44
N ILE E 25 33.67 -19.09 -15.17
CA ILE E 25 33.18 -20.45 -14.94
C ILE E 25 34.28 -21.45 -15.25
N ALA E 26 35.08 -21.17 -16.27
CA ALA E 26 36.23 -22.01 -16.59
C ALA E 26 37.29 -21.93 -15.50
N GLN E 27 37.62 -20.72 -15.06
CA GLN E 27 38.77 -20.53 -14.17
C GLN E 27 38.49 -21.07 -12.77
N THR E 28 37.25 -20.95 -12.29
CA THR E 28 36.90 -21.54 -11.01
C THR E 28 36.91 -23.06 -11.10
N LEU E 29 36.51 -23.60 -12.25
CA LEU E 29 36.54 -25.04 -12.43
C LEU E 29 37.86 -25.52 -13.03
N SER E 30 38.76 -24.60 -13.38
CA SER E 30 40.09 -25.00 -13.82
C SER E 30 40.88 -25.62 -12.68
N LEU E 31 40.61 -25.17 -11.46
CA LEU E 31 41.29 -25.69 -10.28
C LEU E 31 40.43 -26.68 -9.50
N ASP E 32 39.21 -26.94 -9.95
CA ASP E 32 38.33 -27.87 -9.26
C ASP E 32 38.86 -29.30 -9.32
N ALA E 33 38.84 -29.90 -10.50
CA ALA E 33 39.30 -31.28 -10.66
C ALA E 33 40.43 -31.39 -11.67
N LYS E 34 40.23 -30.79 -12.83
CA LYS E 34 41.17 -30.95 -13.94
C LYS E 34 42.38 -30.05 -13.78
N ARG E 35 43.31 -30.15 -14.72
CA ARG E 35 44.38 -29.18 -14.80
C ARG E 35 43.86 -27.84 -15.30
N LYS E 36 43.10 -27.86 -16.39
CA LYS E 36 42.46 -26.66 -16.90
C LYS E 36 41.18 -27.05 -17.61
N VAL E 37 40.26 -26.09 -17.70
CA VAL E 37 39.02 -26.24 -18.43
C VAL E 37 38.95 -25.08 -19.41
N THR E 38 38.86 -25.39 -20.70
CA THR E 38 38.81 -24.33 -21.70
C THR E 38 37.45 -23.67 -21.70
N GLU E 39 37.41 -22.46 -22.25
CA GLU E 39 36.15 -21.71 -22.32
C GLU E 39 35.16 -22.38 -23.26
N GLU E 40 35.66 -22.99 -24.34
CA GLU E 40 34.78 -23.68 -25.27
C GLU E 40 34.21 -24.95 -24.66
N GLU E 41 34.97 -25.58 -23.75
CA GLU E 41 34.45 -26.72 -22.99
C GLU E 41 33.29 -26.29 -22.11
N VAL E 42 33.37 -25.09 -21.54
CA VAL E 42 32.27 -24.54 -20.76
C VAL E 42 31.12 -24.18 -21.67
N LEU E 43 31.40 -23.44 -22.75
CA LEU E 43 30.37 -22.88 -23.60
C LEU E 43 29.63 -23.95 -24.40
N HIS E 44 30.26 -25.09 -24.64
CA HIS E 44 29.56 -26.21 -25.27
C HIS E 44 28.47 -26.76 -24.35
N VAL E 45 28.76 -26.85 -23.05
CA VAL E 45 27.81 -27.43 -22.10
C VAL E 45 26.62 -26.50 -21.90
N LEU E 46 26.88 -25.19 -21.87
CA LEU E 46 25.80 -24.21 -21.67
C LEU E 46 24.83 -24.21 -22.82
N ALA E 47 25.32 -24.36 -24.05
CA ALA E 47 24.42 -24.49 -25.18
C ALA E 47 23.74 -25.85 -25.18
N GLU E 48 24.43 -26.88 -24.68
CA GLU E 48 23.84 -28.20 -24.59
C GLU E 48 22.73 -28.23 -23.56
N ALA E 49 22.99 -27.69 -22.37
CA ALA E 49 21.98 -27.71 -21.31
C ALA E 49 20.86 -26.71 -21.57
N ARG E 50 21.08 -25.76 -22.48
CA ARG E 50 20.04 -24.82 -22.87
C ARG E 50 18.86 -25.54 -23.48
N GLU E 51 19.15 -26.50 -24.35
CA GLU E 51 18.09 -27.24 -25.02
C GLU E 51 17.43 -28.25 -24.11
N LEU E 52 18.13 -28.66 -23.06
CA LEU E 52 17.55 -29.53 -22.04
C LEU E 52 16.47 -28.76 -21.30
N LEU E 53 16.80 -27.55 -20.88
CA LEU E 53 15.84 -26.69 -20.20
C LEU E 53 14.75 -26.19 -21.13
N SER E 54 14.99 -26.18 -22.44
CA SER E 54 14.01 -25.67 -23.39
C SER E 54 12.85 -26.64 -23.64
N ALA E 55 12.83 -27.81 -23.00
CA ALA E 55 11.78 -28.78 -23.22
C ALA E 55 10.47 -28.31 -22.60
N LEU E 56 9.40 -29.00 -22.96
CA LEU E 56 8.07 -28.69 -22.48
C LEU E 56 7.69 -29.66 -21.37
N PRO E 57 6.83 -29.26 -20.42
CA PRO E 57 6.44 -30.20 -19.38
C PRO E 57 5.38 -31.18 -19.85
N SER E 58 4.98 -32.10 -19.00
CA SER E 58 3.83 -32.95 -19.27
C SER E 58 2.74 -32.60 -18.30
N LEU E 59 1.56 -33.17 -18.54
CA LEU E 59 0.41 -32.82 -17.70
C LEU E 59 0.54 -33.46 -16.33
N GLU E 60 1.13 -34.66 -16.28
CA GLU E 60 1.41 -35.29 -15.01
C GLU E 60 2.64 -34.66 -14.34
N ASP E 61 3.50 -34.04 -15.14
CA ASP E 61 4.65 -33.36 -14.59
C ASP E 61 4.23 -32.15 -13.78
N ILE E 62 3.22 -31.43 -14.25
CA ILE E 62 2.69 -30.28 -13.51
C ILE E 62 2.01 -30.74 -12.23
N ARG E 63 1.41 -31.94 -12.25
CA ARG E 63 0.76 -32.48 -11.06
C ARG E 63 1.77 -32.81 -9.97
N ALA E 64 3.04 -32.97 -10.34
CA ALA E 64 4.07 -33.26 -9.34
C ALA E 64 4.31 -32.06 -8.43
N GLU E 65 4.44 -30.87 -9.01
CA GLU E 65 4.74 -29.70 -8.19
C GLU E 65 3.53 -29.29 -7.37
N VAL E 66 2.34 -29.38 -7.96
CA VAL E 66 1.12 -29.00 -7.25
C VAL E 66 0.89 -29.95 -6.08
N GLY E 67 1.29 -31.20 -6.24
CA GLY E 67 1.38 -32.08 -5.08
C GLY E 67 2.42 -31.61 -4.08
N GLN E 68 3.59 -31.19 -4.58
CA GLN E 68 4.66 -30.81 -3.68
C GLN E 68 4.42 -29.43 -3.07
N ALA E 69 3.75 -28.54 -3.80
CA ALA E 69 3.55 -27.19 -3.29
C ALA E 69 2.56 -27.18 -2.13
N LEU E 70 1.55 -28.04 -2.20
CA LEU E 70 0.62 -28.15 -1.08
C LEU E 70 1.27 -28.83 0.10
N GLU E 71 2.26 -29.69 -0.15
CA GLU E 71 2.93 -30.34 0.96
C GLU E 71 3.96 -29.41 1.58
N ARG E 72 4.49 -28.45 0.80
CA ARG E 72 5.24 -27.34 1.37
C ARG E 72 4.41 -26.56 2.37
N ALA E 73 3.11 -26.41 2.10
CA ALA E 73 2.24 -25.65 2.99
C ALA E 73 2.06 -26.35 4.31
N ARG E 74 1.86 -27.67 4.30
CA ARG E 74 1.57 -28.39 5.52
C ARG E 74 2.77 -28.45 6.45
N ILE E 75 3.98 -28.40 5.89
CA ILE E 75 5.16 -28.34 6.74
C ILE E 75 5.25 -26.99 7.42
N PHE E 76 4.84 -25.94 6.72
CA PHE E 76 4.93 -24.61 7.29
C PHE E 76 3.84 -24.38 8.32
N GLN E 77 2.66 -24.97 8.13
CA GLN E 77 1.62 -24.83 9.14
C GLN E 77 1.97 -25.59 10.42
N LYS E 78 2.75 -26.65 10.32
CA LYS E 78 3.21 -27.31 11.54
C LYS E 78 4.20 -26.43 12.30
N ASP E 79 4.86 -25.53 11.59
CA ASP E 79 5.79 -24.62 12.25
C ASP E 79 5.05 -23.43 12.84
N LEU E 80 4.14 -22.82 12.09
CA LEU E 80 3.53 -21.58 12.53
C LEU E 80 2.56 -21.80 13.68
N LEU E 81 1.81 -22.90 13.63
CA LEU E 81 0.90 -23.24 14.72
C LEU E 81 1.68 -23.57 15.98
N ALA E 82 2.89 -24.10 15.84
CA ALA E 82 3.75 -24.28 17.00
C ALA E 82 4.22 -22.94 17.53
N ILE E 83 4.42 -21.96 16.65
CA ILE E 83 4.78 -20.62 17.10
C ILE E 83 3.58 -19.95 17.74
N TYR E 84 2.41 -20.06 17.10
CA TYR E 84 1.21 -19.36 17.53
C TYR E 84 0.77 -19.78 18.92
N GLN E 85 0.84 -21.08 19.23
CA GLN E 85 0.58 -21.53 20.58
C GLN E 85 1.63 -21.01 21.54
N ASN E 86 2.89 -20.99 21.10
CA ASN E 86 3.94 -20.59 22.01
C ASN E 86 4.10 -19.08 22.02
N MET E 87 3.43 -18.38 21.11
CA MET E 87 3.35 -16.93 21.21
C MET E 87 2.17 -16.53 22.07
N LEU E 88 1.08 -17.28 21.99
CA LEU E 88 -0.10 -17.00 22.81
C LEU E 88 0.16 -17.35 24.26
N ARG E 89 1.12 -18.25 24.51
CA ARG E 89 1.58 -18.49 25.87
C ARG E 89 2.21 -17.24 26.46
N ASN E 90 3.04 -16.55 25.69
CA ASN E 90 3.71 -15.35 26.20
C ASN E 90 2.76 -14.19 26.38
N TYR E 91 1.62 -14.17 25.69
CA TYR E 91 0.71 -13.06 25.86
C TYR E 91 -0.04 -13.14 27.17
N ASN E 92 -0.46 -14.35 27.56
CA ASN E 92 -1.15 -14.51 28.82
C ASN E 92 -0.22 -14.29 30.00
N ALA E 93 1.01 -14.80 29.92
CA ALA E 93 1.96 -14.64 31.01
C ALA E 93 2.48 -13.23 31.14
N MET E 94 2.48 -12.45 30.05
CA MET E 94 2.81 -11.04 30.15
C MET E 94 1.70 -10.27 30.84
N MET E 95 0.46 -10.68 30.57
CA MET E 95 -0.69 -9.98 31.13
C MET E 95 -0.78 -10.18 32.64
N GLU E 96 -0.43 -11.37 33.12
CA GLU E 96 -0.50 -11.63 34.54
C GLU E 96 0.62 -10.93 35.29
N GLY E 97 1.65 -10.49 34.58
CA GLY E 97 2.78 -9.83 35.18
C GLY E 97 3.95 -10.72 35.47
N LEU E 98 3.92 -11.95 34.98
CA LEU E 98 5.00 -12.91 35.24
C LEU E 98 6.19 -12.52 34.37
N THR E 99 7.31 -12.19 35.01
CA THR E 99 8.52 -11.90 34.24
C THR E 99 9.08 -13.18 33.62
N GLU E 100 8.90 -14.30 34.30
CA GLU E 100 9.28 -15.58 33.75
C GLU E 100 8.08 -16.52 33.77
N HIS E 101 8.14 -17.51 32.91
CA HIS E 101 7.23 -18.64 32.91
C HIS E 101 7.46 -19.48 34.15
N PRO E 102 6.51 -20.37 34.51
CA PRO E 102 6.75 -21.29 35.62
C PRO E 102 7.89 -22.28 35.37
N ASP E 103 8.28 -22.46 34.12
CA ASP E 103 9.48 -23.20 33.78
C ASP E 103 10.75 -22.39 33.98
N GLY E 104 10.64 -21.12 34.36
CA GLY E 104 11.80 -20.26 34.51
C GLY E 104 12.26 -19.60 33.23
N THR E 105 11.67 -19.92 32.10
CA THR E 105 12.06 -19.33 30.83
C THR E 105 11.55 -17.89 30.78
N PRO E 106 12.28 -16.97 30.12
CA PRO E 106 11.86 -15.56 30.11
C PRO E 106 10.59 -15.32 29.32
N VAL E 107 9.88 -14.25 29.64
CA VAL E 107 8.64 -13.88 28.96
C VAL E 107 8.95 -12.74 28.00
N ILE E 108 8.70 -12.97 26.74
CA ILE E 108 8.98 -11.99 25.69
C ILE E 108 7.70 -11.24 25.38
N GLY E 109 7.80 -9.93 25.18
CA GLY E 109 6.62 -9.11 24.99
C GLY E 109 6.01 -9.31 23.62
N VAL E 110 4.68 -9.47 23.59
CA VAL E 110 3.93 -9.70 22.36
C VAL E 110 2.76 -8.71 22.34
N ARG E 111 2.68 -7.91 21.30
CA ARG E 111 1.55 -7.02 21.15
C ARG E 111 0.33 -7.79 20.64
N PRO E 112 -0.87 -7.33 20.95
CA PRO E 112 -2.06 -8.05 20.49
C PRO E 112 -2.28 -7.97 18.99
N ALA E 113 -1.76 -6.93 18.33
CA ALA E 113 -1.88 -6.89 16.89
C ALA E 113 -0.91 -7.83 16.20
N ASP E 114 0.07 -8.36 16.93
CA ASP E 114 1.04 -9.30 16.37
C ASP E 114 0.43 -10.70 16.30
N ILE E 115 -0.39 -11.05 17.28
CA ILE E 115 -1.08 -12.34 17.26
C ILE E 115 -2.07 -12.39 16.11
N ALA E 116 -2.68 -11.24 15.81
CA ALA E 116 -3.61 -11.18 14.68
C ALA E 116 -2.88 -11.33 13.35
N ALA E 117 -1.58 -11.00 13.32
CA ALA E 117 -0.81 -11.19 12.10
C ALA E 117 -0.58 -12.66 11.83
N MET E 118 -0.18 -13.42 12.87
CA MET E 118 0.06 -14.84 12.71
C MET E 118 -1.23 -15.61 12.50
N ALA E 119 -2.34 -15.09 13.00
CA ALA E 119 -3.63 -15.69 12.71
C ALA E 119 -3.98 -15.54 11.24
N ASP E 120 -3.61 -14.41 10.65
CA ASP E 120 -3.96 -14.16 9.26
C ASP E 120 -3.05 -14.94 8.33
N ARG E 121 -1.80 -15.17 8.74
CA ARG E 121 -0.88 -15.94 7.90
C ARG E 121 -1.33 -17.39 7.78
N ILE E 122 -1.83 -17.96 8.87
CA ILE E 122 -2.23 -19.36 8.87
C ILE E 122 -3.44 -19.58 7.99
N MET E 123 -4.47 -18.76 8.17
CA MET E 123 -5.69 -18.92 7.40
C MET E 123 -5.49 -18.50 5.95
N LYS E 124 -4.43 -17.75 5.67
CA LYS E 124 -4.06 -17.51 4.28
C LYS E 124 -3.56 -18.78 3.63
N ILE E 125 -2.72 -19.53 4.35
CA ILE E 125 -2.15 -20.78 3.81
C ILE E 125 -3.24 -21.81 3.63
N ASP E 126 -4.15 -21.89 4.61
CA ASP E 126 -5.26 -22.83 4.55
C ASP E 126 -6.20 -22.50 3.41
N GLN E 127 -6.34 -21.21 3.08
CA GLN E 127 -7.14 -20.84 1.94
C GLN E 127 -6.41 -21.11 0.64
N GLU E 128 -5.08 -21.12 0.67
CA GLU E 128 -4.31 -21.42 -0.53
C GLU E 128 -4.42 -22.89 -0.91
N ARG E 129 -4.61 -23.77 0.07
CA ARG E 129 -4.82 -25.18 -0.25
C ARG E 129 -6.11 -25.39 -1.01
N ILE E 130 -7.18 -24.72 -0.58
CA ILE E 130 -8.49 -24.92 -1.19
C ILE E 130 -8.51 -24.40 -2.62
N THR E 131 -7.87 -23.26 -2.86
CA THR E 131 -7.88 -22.67 -4.20
C THR E 131 -7.04 -23.49 -5.18
N ALA E 132 -5.84 -23.91 -4.76
CA ALA E 132 -4.96 -24.61 -5.68
C ALA E 132 -5.45 -26.03 -5.93
N LEU E 133 -6.06 -26.67 -4.93
CA LEU E 133 -6.55 -28.03 -5.11
C LEU E 133 -7.77 -28.04 -6.01
N LEU E 134 -8.57 -26.99 -5.94
CA LEU E 134 -9.74 -26.90 -6.81
C LEU E 134 -9.33 -26.65 -8.25
N ASN E 135 -8.29 -25.85 -8.45
CA ASN E 135 -7.79 -25.62 -9.80
C ASN E 135 -7.17 -26.88 -10.38
N SER E 136 -6.57 -27.70 -9.52
CA SER E 136 -6.07 -29.00 -9.94
C SER E 136 -7.19 -29.90 -10.41
N LEU E 137 -8.35 -29.82 -9.77
CA LEU E 137 -9.49 -30.57 -10.27
C LEU E 137 -10.07 -29.94 -11.52
N LYS E 138 -10.02 -28.61 -11.60
CA LYS E 138 -10.69 -27.90 -12.67
C LYS E 138 -9.88 -27.94 -13.95
N VAL E 139 -8.60 -27.59 -13.87
CA VAL E 139 -7.78 -27.51 -15.08
C VAL E 139 -7.38 -28.91 -15.53
N LEU E 140 -7.04 -29.77 -14.59
CA LEU E 140 -6.38 -31.02 -14.93
C LEU E 140 -7.36 -32.18 -14.82
N MET F 4 10.90 -48.65 6.00
CA MET F 4 10.90 -48.12 4.63
C MET F 4 9.43 -47.97 4.23
N SER F 5 8.56 -47.97 5.24
CA SER F 5 7.12 -47.99 5.02
C SER F 5 6.46 -46.70 5.50
N VAL F 6 6.62 -46.35 6.77
CA VAL F 6 5.83 -45.26 7.34
C VAL F 6 6.75 -44.13 7.79
N SER F 7 7.59 -44.40 8.79
CA SER F 7 8.42 -43.37 9.40
C SER F 7 9.69 -43.13 8.60
N PHE F 8 9.86 -43.80 7.50
CA PHE F 8 10.95 -43.52 6.59
C PHE F 8 10.47 -42.79 5.35
N ARG F 9 9.34 -43.20 4.78
CA ARG F 9 8.81 -42.52 3.61
C ARG F 9 8.30 -41.13 3.97
N ASP F 10 7.81 -40.96 5.20
CA ASP F 10 7.44 -39.63 5.66
C ASP F 10 8.67 -38.76 5.85
N ARG F 11 9.71 -39.32 6.45
CA ARG F 11 10.88 -38.52 6.81
C ARG F 11 11.66 -38.08 5.57
N VAL F 12 11.82 -38.96 4.59
CA VAL F 12 12.54 -38.61 3.37
C VAL F 12 11.79 -37.53 2.58
N LEU F 13 10.47 -37.59 2.56
CA LEU F 13 9.69 -36.56 1.88
C LEU F 13 9.75 -35.23 2.61
N LYS F 14 9.64 -35.26 3.94
CA LYS F 14 9.64 -34.02 4.70
C LYS F 14 11.02 -33.37 4.69
N LEU F 15 12.07 -34.19 4.67
CA LEU F 15 13.40 -33.62 4.70
C LEU F 15 13.80 -33.11 3.32
N TYR F 16 13.21 -33.67 2.27
CA TYR F 16 13.49 -33.19 0.93
C TYR F 16 12.85 -31.83 0.68
N LEU F 17 11.62 -31.66 1.17
CA LEU F 17 10.91 -30.42 0.91
C LEU F 17 11.43 -29.27 1.75
N LEU F 18 12.26 -29.56 2.74
CA LEU F 18 12.97 -28.49 3.44
C LEU F 18 14.30 -28.19 2.77
N GLY F 19 14.56 -28.82 1.63
CA GLY F 19 15.63 -28.35 0.77
C GLY F 19 16.98 -28.99 0.99
N PHE F 20 17.00 -30.28 1.30
CA PHE F 20 18.25 -31.02 1.40
C PHE F 20 18.39 -31.87 0.15
N ASP F 21 19.59 -31.92 -0.40
CA ASP F 21 19.90 -32.83 -1.50
C ASP F 21 19.84 -34.27 -0.98
N PRO F 22 19.58 -35.25 -1.86
CA PRO F 22 19.43 -36.64 -1.36
C PRO F 22 20.69 -37.25 -0.77
N SER F 23 21.86 -36.63 -0.99
CA SER F 23 23.04 -37.04 -0.26
C SER F 23 22.90 -36.75 1.23
N GLU F 24 22.45 -35.55 1.58
CA GLU F 24 22.32 -35.18 2.98
C GLU F 24 21.16 -35.89 3.64
N ILE F 25 20.10 -36.18 2.87
CA ILE F 25 18.97 -36.94 3.38
C ILE F 25 19.41 -38.33 3.77
N ALA F 26 20.33 -38.92 3.00
CA ALA F 26 20.90 -40.21 3.34
C ALA F 26 21.74 -40.13 4.60
N GLN F 27 22.61 -39.12 4.70
CA GLN F 27 23.60 -39.08 5.76
C GLN F 27 22.96 -38.78 7.12
N THR F 28 21.93 -37.94 7.13
CA THR F 28 21.20 -37.69 8.38
C THR F 28 20.43 -38.92 8.80
N LEU F 29 19.91 -39.67 7.83
CA LEU F 29 19.22 -40.90 8.16
C LEU F 29 20.13 -42.11 8.18
N SER F 30 21.41 -41.94 7.82
CA SER F 30 22.37 -43.02 7.97
C SER F 30 22.61 -43.34 9.43
N LEU F 31 22.52 -42.35 10.30
CA LEU F 31 22.72 -42.53 11.73
C LEU F 31 21.40 -42.59 12.49
N ASP F 32 20.27 -42.45 11.81
CA ASP F 32 18.97 -42.52 12.47
C ASP F 32 18.68 -43.89 13.06
N ALA F 33 18.46 -44.88 12.20
CA ALA F 33 18.16 -46.22 12.66
C ALA F 33 19.16 -47.25 12.13
N LYS F 34 19.40 -47.20 10.83
CA LYS F 34 20.21 -48.22 10.17
C LYS F 34 21.68 -47.96 10.38
N ARG F 35 22.51 -48.86 9.85
CA ARG F 35 23.94 -48.61 9.78
C ARG F 35 24.24 -47.55 8.73
N LYS F 36 23.68 -47.70 7.53
CA LYS F 36 23.81 -46.70 6.49
C LYS F 36 22.58 -46.77 5.59
N VAL F 37 22.31 -45.66 4.92
CA VAL F 37 21.22 -45.56 3.95
C VAL F 37 21.86 -45.06 2.66
N THR F 38 21.75 -45.82 1.59
CA THR F 38 22.35 -45.41 0.33
C THR F 38 21.53 -44.30 -0.31
N GLU F 39 22.17 -43.56 -1.22
CA GLU F 39 21.51 -42.46 -1.91
C GLU F 39 20.39 -42.97 -2.82
N GLU F 40 20.61 -44.15 -3.43
CA GLU F 40 19.59 -44.72 -4.30
C GLU F 40 18.38 -45.19 -3.49
N GLU F 41 18.62 -45.62 -2.24
CA GLU F 41 17.52 -45.95 -1.34
C GLU F 41 16.67 -44.72 -1.05
N VAL F 42 17.32 -43.57 -0.91
CA VAL F 42 16.59 -42.31 -0.73
C VAL F 42 15.88 -41.92 -2.02
N LEU F 43 16.61 -41.95 -3.13
CA LEU F 43 16.10 -41.43 -4.39
C LEU F 43 14.98 -42.29 -4.97
N HIS F 44 14.96 -43.58 -4.61
CA HIS F 44 13.83 -44.43 -5.01
C HIS F 44 12.54 -43.99 -4.33
N VAL F 45 12.62 -43.61 -3.05
CA VAL F 45 11.43 -43.23 -2.30
C VAL F 45 10.88 -41.91 -2.79
N LEU F 46 11.78 -40.97 -3.11
CA LEU F 46 11.36 -39.65 -3.58
C LEU F 46 10.62 -39.73 -4.91
N ALA F 47 11.08 -40.60 -5.81
CA ALA F 47 10.35 -40.81 -7.05
C ALA F 47 9.07 -41.58 -6.80
N GLU F 48 9.08 -42.46 -5.79
CA GLU F 48 7.88 -43.21 -5.45
C GLU F 48 6.82 -42.31 -4.85
N ALA F 49 7.22 -41.46 -3.89
CA ALA F 49 6.26 -40.58 -3.24
C ALA F 49 5.85 -39.42 -4.14
N ARG F 50 6.62 -39.17 -5.21
CA ARG F 50 6.25 -38.14 -6.17
C ARG F 50 4.92 -38.47 -6.85
N GLU F 51 4.75 -39.73 -7.21
CA GLU F 51 3.53 -40.15 -7.88
C GLU F 51 2.37 -40.26 -6.92
N LEU F 52 2.65 -40.43 -5.63
CA LEU F 52 1.61 -40.41 -4.62
C LEU F 52 1.03 -39.00 -4.53
N LEU F 53 1.90 -38.01 -4.46
CA LEU F 53 1.47 -36.62 -4.43
C LEU F 53 0.88 -36.16 -5.75
N SER F 54 1.21 -36.84 -6.86
CA SER F 54 0.73 -36.43 -8.16
C SER F 54 -0.73 -36.79 -8.42
N ALA F 55 -1.41 -37.42 -7.46
CA ALA F 55 -2.79 -37.83 -7.65
C ALA F 55 -3.72 -36.62 -7.64
N LEU F 56 -4.96 -36.85 -8.05
CA LEU F 56 -5.97 -35.82 -8.13
C LEU F 56 -6.89 -35.93 -6.93
N PRO F 57 -7.50 -34.83 -6.47
CA PRO F 57 -8.42 -34.93 -5.33
C PRO F 57 -9.78 -35.46 -5.75
N SER F 58 -10.68 -35.64 -4.79
CA SER F 58 -12.07 -35.93 -5.10
C SER F 58 -12.91 -34.75 -4.68
N LEU F 59 -14.18 -34.78 -5.06
CA LEU F 59 -15.06 -33.65 -4.77
C LEU F 59 -15.39 -33.61 -3.29
N GLU F 60 -15.52 -34.77 -2.67
CA GLU F 60 -15.73 -34.83 -1.23
C GLU F 60 -14.43 -34.58 -0.49
N ASP F 61 -13.29 -34.82 -1.15
CA ASP F 61 -12.01 -34.54 -0.54
C ASP F 61 -11.81 -33.05 -0.34
N ILE F 62 -12.25 -32.25 -1.31
CA ILE F 62 -12.17 -30.80 -1.19
C ILE F 62 -13.11 -30.31 -0.09
N ARG F 63 -14.23 -30.99 0.10
CA ARG F 63 -15.18 -30.61 1.16
C ARG F 63 -14.60 -30.84 2.55
N ALA F 64 -13.57 -31.67 2.65
CA ALA F 64 -12.93 -31.91 3.94
C ALA F 64 -12.18 -30.68 4.43
N GLU F 65 -11.39 -30.05 3.56
CA GLU F 65 -10.61 -28.90 3.99
C GLU F 65 -11.49 -27.69 4.22
N VAL F 66 -12.50 -27.49 3.37
CA VAL F 66 -13.40 -26.35 3.52
C VAL F 66 -14.20 -26.48 4.81
N GLY F 67 -14.50 -27.72 5.21
CA GLY F 67 -14.98 -27.94 6.56
C GLY F 67 -13.94 -27.59 7.60
N GLN F 68 -12.69 -27.98 7.37
CA GLN F 68 -11.66 -27.74 8.37
C GLN F 68 -11.20 -26.29 8.37
N ALA F 69 -11.23 -25.62 7.23
CA ALA F 69 -10.76 -24.24 7.17
C ALA F 69 -11.70 -23.31 7.92
N LEU F 70 -13.00 -23.57 7.84
CA LEU F 70 -13.95 -22.76 8.59
C LEU F 70 -13.86 -23.06 10.07
N GLU F 71 -13.44 -24.27 10.43
CA GLU F 71 -13.30 -24.58 11.84
C GLU F 71 -12.00 -24.04 12.39
N ARG F 72 -10.99 -23.85 11.53
CA ARG F 72 -9.83 -23.05 11.88
C ARG F 72 -10.22 -21.64 12.28
N ALA F 73 -11.22 -21.08 11.60
CA ALA F 73 -11.64 -19.72 11.87
C ALA F 73 -12.28 -19.60 13.25
N ARG F 74 -13.13 -20.56 13.61
CA ARG F 74 -13.86 -20.46 14.86
C ARG F 74 -12.95 -20.63 16.07
N ILE F 75 -11.85 -21.35 15.92
CA ILE F 75 -10.90 -21.45 17.01
C ILE F 75 -10.18 -20.13 17.19
N PHE F 76 -9.92 -19.44 16.09
CA PHE F 76 -9.21 -18.17 16.18
C PHE F 76 -10.10 -17.06 16.70
N GLN F 77 -11.40 -17.11 16.38
CA GLN F 77 -12.30 -16.10 16.92
C GLN F 77 -12.51 -16.27 18.42
N LYS F 78 -12.39 -17.50 18.93
CA LYS F 78 -12.45 -17.68 20.37
C LYS F 78 -11.23 -17.08 21.05
N ASP F 79 -10.13 -16.98 20.31
CA ASP F 79 -8.93 -16.37 20.86
C ASP F 79 -8.98 -14.86 20.79
N LEU F 80 -9.39 -14.32 19.64
CA LEU F 80 -9.28 -12.88 19.43
C LEU F 80 -10.33 -12.13 20.24
N LEU F 81 -11.54 -12.69 20.34
CA LEU F 81 -12.58 -12.09 21.16
C LEU F 81 -12.22 -12.12 22.62
N ALA F 82 -11.44 -13.13 23.03
CA ALA F 82 -10.91 -13.13 24.39
C ALA F 82 -9.87 -12.04 24.56
N ILE F 83 -9.11 -11.76 23.50
CA ILE F 83 -8.15 -10.66 23.57
C ILE F 83 -8.87 -9.33 23.57
N TYR F 84 -9.86 -9.20 22.67
CA TYR F 84 -10.56 -7.93 22.46
C TYR F 84 -11.27 -7.46 23.72
N GLN F 85 -11.92 -8.38 24.44
CA GLN F 85 -12.50 -8.03 25.73
C GLN F 85 -11.42 -7.65 26.72
N ASN F 86 -10.31 -8.37 26.71
CA ASN F 86 -9.28 -8.11 27.70
C ASN F 86 -8.36 -6.99 27.25
N MET F 87 -8.49 -6.55 26.00
CA MET F 87 -7.81 -5.33 25.59
C MET F 87 -8.68 -4.12 25.88
N LEU F 88 -10.00 -4.28 25.72
CA LEU F 88 -10.92 -3.18 26.01
C LEU F 88 -11.02 -2.94 27.50
N ARG F 89 -10.69 -3.94 28.30
CA ARG F 89 -10.54 -3.75 29.74
C ARG F 89 -9.42 -2.77 30.04
N ASN F 90 -8.28 -2.92 29.37
CA ASN F 90 -7.14 -2.06 29.62
C ASN F 90 -7.35 -0.64 29.11
N TYR F 91 -8.25 -0.44 28.15
CA TYR F 91 -8.46 0.90 27.66
C TYR F 91 -9.26 1.74 28.64
N ASN F 92 -10.27 1.14 29.27
CA ASN F 92 -11.07 1.88 30.23
C ASN F 92 -10.26 2.16 31.49
N ALA F 93 -9.49 1.19 31.95
CA ALA F 93 -8.69 1.38 33.15
C ALA F 93 -7.53 2.32 32.96
N MET F 94 -7.02 2.45 31.73
CA MET F 94 -6.02 3.47 31.45
C MET F 94 -6.62 4.85 31.47
N MET F 95 -7.87 4.95 31.00
CA MET F 95 -8.53 6.25 30.92
C MET F 95 -8.84 6.79 32.30
N GLU F 96 -9.21 5.91 33.24
CA GLU F 96 -9.54 6.37 34.59
C GLU F 96 -8.28 6.76 35.36
N GLY F 97 -7.12 6.35 34.88
CA GLY F 97 -5.87 6.64 35.52
C GLY F 97 -5.37 5.56 36.44
N LEU F 98 -5.98 4.38 36.42
CA LEU F 98 -5.59 3.27 37.28
C LEU F 98 -4.30 2.68 36.72
N THR F 99 -3.23 2.74 37.51
CA THR F 99 -1.98 2.10 37.11
C THR F 99 -2.11 0.59 37.14
N GLU F 100 -2.92 0.08 38.07
CA GLU F 100 -3.21 -1.34 38.11
C GLU F 100 -4.72 -1.54 38.09
N HIS F 101 -5.10 -2.72 37.67
CA HIS F 101 -6.45 -3.22 37.77
C HIS F 101 -6.81 -3.44 39.23
N PRO F 102 -8.12 -3.57 39.57
CA PRO F 102 -8.50 -3.91 40.95
C PRO F 102 -8.01 -5.29 41.40
N ASP F 103 -7.66 -6.15 40.44
CA ASP F 103 -7.00 -7.40 40.74
C ASP F 103 -5.52 -7.24 41.04
N GLY F 104 -4.98 -6.03 40.92
CA GLY F 104 -3.57 -5.78 41.12
C GLY F 104 -2.71 -6.02 39.89
N THR F 105 -3.29 -6.52 38.81
CA THR F 105 -2.53 -6.77 37.59
C THR F 105 -2.20 -5.45 36.92
N PRO F 106 -1.05 -5.32 36.23
CA PRO F 106 -0.68 -4.04 35.63
C PRO F 106 -1.56 -3.65 34.46
N VAL F 107 -1.63 -2.35 34.18
CA VAL F 107 -2.44 -1.83 33.08
C VAL F 107 -1.50 -1.48 31.93
N ILE F 108 -1.71 -2.10 30.80
CA ILE F 108 -0.86 -1.92 29.63
C ILE F 108 -1.55 -0.91 28.71
N GLY F 109 -0.76 -0.01 28.13
CA GLY F 109 -1.31 1.06 27.33
C GLY F 109 -1.82 0.57 25.98
N VAL F 110 -3.02 0.99 25.62
CA VAL F 110 -3.66 0.62 24.37
C VAL F 110 -4.15 1.88 23.67
N ARG F 111 -3.70 2.09 22.45
CA ARG F 111 -4.19 3.22 21.68
C ARG F 111 -5.57 2.91 21.12
N PRO F 112 -6.39 3.94 20.88
CA PRO F 112 -7.73 3.68 20.35
C PRO F 112 -7.73 3.19 18.92
N ALA F 113 -6.70 3.49 18.15
CA ALA F 113 -6.65 2.93 16.80
C ALA F 113 -6.25 1.47 16.79
N ASP F 114 -5.76 0.95 17.91
CA ASP F 114 -5.38 -0.45 18.01
C ASP F 114 -6.61 -1.32 18.24
N ILE F 115 -7.59 -0.82 18.99
CA ILE F 115 -8.84 -1.54 19.20
C ILE F 115 -9.60 -1.65 17.89
N ALA F 116 -9.50 -0.62 17.05
CA ALA F 116 -10.14 -0.65 15.75
C ALA F 116 -9.48 -1.66 14.83
N ALA F 117 -8.21 -1.99 15.08
CA ALA F 117 -7.55 -3.01 14.28
C ALA F 117 -8.09 -4.39 14.60
N MET F 118 -8.24 -4.70 15.90
CA MET F 118 -8.76 -6.00 16.30
C MET F 118 -10.23 -6.13 15.98
N ALA F 119 -10.95 -5.01 15.92
CA ALA F 119 -12.34 -5.06 15.49
C ALA F 119 -12.42 -5.44 14.02
N ASP F 120 -11.47 -4.96 13.22
CA ASP F 120 -11.52 -5.23 11.79
C ASP F 120 -11.06 -6.65 11.49
N ARG F 121 -10.15 -7.19 12.31
CA ARG F 121 -9.69 -8.56 12.10
C ARG F 121 -10.81 -9.56 12.34
N ILE F 122 -11.64 -9.31 13.34
CA ILE F 122 -12.70 -10.24 13.70
C ILE F 122 -13.76 -10.27 12.62
N MET F 123 -14.23 -9.10 12.21
CA MET F 123 -15.28 -9.05 11.19
C MET F 123 -14.76 -9.43 9.82
N LYS F 124 -13.45 -9.43 9.63
CA LYS F 124 -12.88 -10.00 8.42
C LYS F 124 -13.06 -11.51 8.42
N ILE F 125 -12.79 -12.15 9.57
CA ILE F 125 -12.91 -13.61 9.67
C ILE F 125 -14.36 -14.03 9.53
N ASP F 126 -15.26 -13.27 10.16
CA ASP F 126 -16.68 -13.56 10.09
C ASP F 126 -17.21 -13.39 8.67
N GLN F 127 -16.63 -12.46 7.92
CA GLN F 127 -17.02 -12.31 6.52
C GLN F 127 -16.41 -13.42 5.67
N GLU F 128 -15.30 -13.99 6.10
CA GLU F 128 -14.69 -15.09 5.36
C GLU F 128 -15.51 -16.36 5.47
N ARG F 129 -16.22 -16.54 6.59
CA ARG F 129 -17.10 -17.71 6.71
C ARG F 129 -18.24 -17.63 5.72
N ILE F 130 -18.84 -16.45 5.56
CA ILE F 130 -20.00 -16.30 4.69
C ILE F 130 -19.62 -16.52 3.23
N THR F 131 -18.46 -16.01 2.83
CA THR F 131 -18.05 -16.13 1.43
C THR F 131 -17.67 -17.57 1.08
N ALA F 132 -16.90 -18.23 1.95
CA ALA F 132 -16.43 -19.58 1.63
C ALA F 132 -17.56 -20.59 1.74
N LEU F 133 -18.50 -20.38 2.66
CA LEU F 133 -19.61 -21.32 2.81
C LEU F 133 -20.57 -21.20 1.64
N LEU F 134 -20.71 -19.99 1.10
CA LEU F 134 -21.58 -19.79 -0.04
C LEU F 134 -20.98 -20.41 -1.29
N ASN F 135 -19.66 -20.33 -1.44
CA ASN F 135 -19.00 -20.95 -2.57
C ASN F 135 -19.07 -22.47 -2.48
N SER F 136 -19.06 -22.99 -1.25
CA SER F 136 -19.27 -24.41 -1.04
C SER F 136 -20.65 -24.84 -1.50
N LEU F 137 -21.65 -24.01 -1.31
CA LEU F 137 -22.97 -24.31 -1.83
C LEU F 137 -23.01 -24.10 -3.34
N LYS F 138 -22.28 -23.11 -3.83
CA LYS F 138 -22.38 -22.74 -5.24
C LYS F 138 -21.60 -23.68 -6.13
N VAL F 139 -20.33 -23.93 -5.80
CA VAL F 139 -19.49 -24.76 -6.65
C VAL F 139 -19.83 -26.23 -6.46
N LEU F 140 -20.08 -26.64 -5.23
CA LEU F 140 -20.14 -28.06 -4.92
C LEU F 140 -21.59 -28.51 -4.73
N MET G 4 -16.41 -40.28 25.15
CA MET G 4 -16.02 -40.47 23.76
C MET G 4 -17.15 -39.88 22.91
N SER G 5 -17.98 -39.07 23.54
CA SER G 5 -19.20 -38.57 22.92
C SER G 5 -19.15 -37.04 22.72
N VAL G 6 -18.94 -36.27 23.78
CA VAL G 6 -19.09 -34.83 23.68
C VAL G 6 -17.77 -34.13 23.97
N SER G 7 -17.28 -34.26 25.21
CA SER G 7 -16.09 -33.55 25.65
C SER G 7 -14.81 -34.26 25.25
N PHE G 8 -14.93 -35.34 24.54
CA PHE G 8 -13.77 -36.00 23.96
C PHE G 8 -13.70 -35.77 22.46
N ARG G 9 -14.82 -35.86 21.75
CA ARG G 9 -14.80 -35.61 20.31
C ARG G 9 -14.56 -34.14 20.00
N ASP G 10 -15.00 -33.25 20.90
CA ASP G 10 -14.67 -31.84 20.75
C ASP G 10 -13.19 -31.60 21.00
N ARG G 11 -12.64 -32.23 22.03
CA ARG G 11 -11.27 -31.95 22.43
C ARG G 11 -10.26 -32.48 21.42
N VAL G 12 -10.50 -33.67 20.88
CA VAL G 12 -9.59 -34.24 19.89
C VAL G 12 -9.59 -33.43 18.60
N LEU G 13 -10.76 -32.93 18.20
CA LEU G 13 -10.82 -32.08 17.02
C LEU G 13 -10.14 -30.74 17.25
N LYS G 14 -10.37 -30.12 18.39
CA LYS G 14 -9.80 -28.80 18.66
C LYS G 14 -8.30 -28.90 18.84
N LEU G 15 -7.83 -29.99 19.41
CA LEU G 15 -6.39 -30.11 19.65
C LEU G 15 -5.67 -30.49 18.37
N TYR G 16 -6.37 -31.15 17.44
CA TYR G 16 -5.75 -31.48 16.16
C TYR G 16 -5.58 -30.26 15.29
N LEU G 17 -6.57 -29.37 15.30
CA LEU G 17 -6.52 -28.19 14.44
C LEU G 17 -5.55 -27.15 14.95
N LEU G 18 -5.09 -27.29 16.19
CA LEU G 18 -3.99 -26.45 16.65
C LEU G 18 -2.65 -27.09 16.35
N GLY G 19 -2.64 -28.21 15.63
CA GLY G 19 -1.42 -28.68 15.02
C GLY G 19 -0.62 -29.66 15.83
N PHE G 20 -1.30 -30.55 16.56
CA PHE G 20 -0.63 -31.62 17.27
C PHE G 20 -0.83 -32.90 16.49
N ASP G 21 0.22 -33.71 16.39
CA ASP G 21 0.10 -35.04 15.81
C ASP G 21 -0.73 -35.92 16.73
N PRO G 22 -1.39 -36.96 16.21
CA PRO G 22 -2.28 -37.77 17.08
C PRO G 22 -1.57 -38.52 18.19
N SER G 23 -0.24 -38.64 18.14
CA SER G 23 0.49 -39.16 19.28
C SER G 23 0.39 -38.20 20.47
N GLU G 24 0.59 -36.90 20.23
CA GLU G 24 0.55 -35.94 21.33
C GLU G 24 -0.87 -35.71 21.80
N ILE G 25 -1.84 -35.82 20.89
CA ILE G 25 -3.25 -35.70 21.27
C ILE G 25 -3.63 -36.81 22.22
N ALA G 26 -3.08 -38.01 22.01
CA ALA G 26 -3.30 -39.11 22.91
C ALA G 26 -2.66 -38.85 24.27
N GLN G 27 -1.41 -38.40 24.28
CA GLN G 27 -0.63 -38.31 25.51
C GLN G 27 -1.14 -37.21 26.42
N THR G 28 -1.57 -36.09 25.85
CA THR G 28 -2.19 -35.03 26.64
C THR G 28 -3.52 -35.48 27.20
N LEU G 29 -4.27 -36.28 26.45
CA LEU G 29 -5.52 -36.80 26.94
C LEU G 29 -5.37 -38.13 27.66
N SER G 30 -4.16 -38.70 27.66
CA SER G 30 -3.91 -39.91 28.44
C SER G 30 -4.01 -39.62 29.93
N LEU G 31 -3.65 -38.41 30.34
CA LEU G 31 -3.71 -38.00 31.72
C LEU G 31 -4.92 -37.14 32.04
N ASP G 32 -5.76 -36.85 31.05
CA ASP G 32 -6.95 -36.04 31.27
C ASP G 32 -7.96 -36.74 32.17
N ALA G 33 -8.58 -37.81 31.67
CA ALA G 33 -9.58 -38.53 32.45
C ALA G 33 -9.21 -40.00 32.62
N LYS G 34 -8.87 -40.65 31.52
CA LYS G 34 -8.65 -42.09 31.53
C LYS G 34 -7.27 -42.43 32.06
N ARG G 35 -6.98 -43.73 32.14
CA ARG G 35 -5.63 -44.17 32.42
C ARG G 35 -4.73 -43.92 31.21
N LYS G 36 -5.19 -44.34 30.04
CA LYS G 36 -4.47 -44.08 28.80
C LYS G 36 -5.46 -44.00 27.66
N VAL G 37 -5.06 -43.30 26.59
CA VAL G 37 -5.84 -43.19 25.37
C VAL G 37 -4.92 -43.64 24.25
N THR G 38 -5.32 -44.67 23.51
CA THR G 38 -4.48 -45.16 22.43
C THR G 38 -4.54 -44.22 21.24
N GLU G 39 -3.53 -44.33 20.37
CA GLU G 39 -3.47 -43.49 19.19
C GLU G 39 -4.59 -43.81 18.21
N GLU G 40 -4.97 -45.09 18.13
CA GLU G 40 -6.05 -45.48 17.24
C GLU G 40 -7.40 -44.99 17.77
N GLU G 41 -7.53 -44.87 19.09
CA GLU G 41 -8.72 -44.26 19.68
C GLU G 41 -8.83 -42.79 19.28
N VAL G 42 -7.69 -42.11 19.19
CA VAL G 42 -7.68 -40.73 18.71
C VAL G 42 -7.97 -40.69 17.22
N LEU G 43 -7.26 -41.52 16.45
CA LEU G 43 -7.32 -41.43 15.00
C LEU G 43 -8.66 -41.90 14.44
N HIS G 44 -9.38 -42.74 15.18
CA HIS G 44 -10.73 -43.09 14.79
C HIS G 44 -11.67 -41.90 14.86
N VAL G 45 -11.53 -41.07 15.89
CA VAL G 45 -12.41 -39.93 16.08
C VAL G 45 -12.15 -38.86 15.03
N LEU G 46 -10.88 -38.65 14.68
CA LEU G 46 -10.50 -37.64 13.69
C LEU G 46 -11.04 -37.98 12.32
N ALA G 47 -11.03 -39.27 11.95
CA ALA G 47 -11.65 -39.66 10.69
C ALA G 47 -13.17 -39.60 10.79
N GLU G 48 -13.70 -39.86 11.99
CA GLU G 48 -15.15 -39.78 12.19
C GLU G 48 -15.62 -38.34 12.11
N ALA G 49 -14.94 -37.42 12.78
CA ALA G 49 -15.37 -36.04 12.78
C ALA G 49 -15.03 -35.35 11.46
N ARG G 50 -14.14 -35.95 10.66
CA ARG G 50 -13.84 -35.42 9.34
C ARG G 50 -15.08 -35.40 8.45
N GLU G 51 -15.85 -36.48 8.51
CA GLU G 51 -17.04 -36.58 7.68
C GLU G 51 -18.18 -35.74 8.22
N LEU G 52 -18.14 -35.42 9.51
CA LEU G 52 -19.10 -34.50 10.11
C LEU G 52 -18.88 -33.12 9.53
N LEU G 53 -17.63 -32.67 9.52
CA LEU G 53 -17.28 -31.38 8.94
C LEU G 53 -17.43 -31.36 7.43
N SER G 54 -17.40 -32.53 6.78
CA SER G 54 -17.48 -32.58 5.33
C SER G 54 -18.88 -32.34 4.78
N ALA G 55 -19.87 -32.12 5.64
CA ALA G 55 -21.24 -31.94 5.20
C ALA G 55 -21.40 -30.58 4.52
N LEU G 56 -22.55 -30.41 3.86
CA LEU G 56 -22.87 -29.19 3.14
C LEU G 56 -23.82 -28.35 3.97
N PRO G 57 -23.81 -27.02 3.82
CA PRO G 57 -24.74 -26.21 4.60
C PRO G 57 -26.13 -26.21 3.99
N SER G 58 -27.09 -25.55 4.64
CA SER G 58 -28.39 -25.32 4.04
C SER G 58 -28.52 -23.84 3.77
N LEU G 59 -29.60 -23.47 3.06
CA LEU G 59 -29.77 -22.09 2.67
C LEU G 59 -30.18 -21.25 3.87
N GLU G 60 -30.95 -21.84 4.79
CA GLU G 60 -31.28 -21.16 6.03
C GLU G 60 -30.11 -21.19 6.99
N ASP G 61 -29.21 -22.16 6.82
CA ASP G 61 -28.03 -22.23 7.66
C ASP G 61 -27.10 -21.05 7.39
N ILE G 62 -26.98 -20.66 6.12
CA ILE G 62 -26.18 -19.50 5.76
C ILE G 62 -26.81 -18.22 6.29
N ARG G 63 -28.15 -18.19 6.36
CA ARG G 63 -28.85 -17.02 6.89
C ARG G 63 -28.59 -16.82 8.38
N ALA G 64 -28.16 -17.88 9.07
CA ALA G 64 -27.86 -17.76 10.48
C ALA G 64 -26.62 -16.91 10.73
N GLU G 65 -25.55 -17.14 9.97
CA GLU G 65 -24.33 -16.37 10.20
C GLU G 65 -24.48 -14.94 9.74
N VAL G 66 -25.15 -14.74 8.61
CA VAL G 66 -25.36 -13.39 8.08
C VAL G 66 -26.21 -12.57 9.03
N GLY G 67 -27.13 -13.23 9.72
CA GLY G 67 -27.79 -12.61 10.86
C GLY G 67 -26.81 -12.31 11.97
N GLN G 68 -25.93 -13.26 12.28
CA GLN G 68 -25.02 -13.07 13.40
C GLN G 68 -23.88 -12.12 13.06
N ALA G 69 -23.46 -12.10 11.79
CA ALA G 69 -22.33 -11.25 11.41
C ALA G 69 -22.72 -9.78 11.48
N LEU G 70 -23.96 -9.46 11.11
CA LEU G 70 -24.41 -8.08 11.22
C LEU G 70 -24.62 -7.69 12.66
N GLU G 71 -24.93 -8.67 13.52
CA GLU G 71 -25.10 -8.34 14.92
C GLU G 71 -23.75 -8.23 15.63
N ARG G 72 -22.72 -8.91 15.09
CA ARG G 72 -21.35 -8.62 15.49
C ARG G 72 -20.99 -7.17 15.25
N ALA G 73 -21.48 -6.60 14.15
CA ALA G 73 -21.17 -5.21 13.80
C ALA G 73 -21.77 -4.25 14.80
N ARG G 74 -23.03 -4.48 15.20
CA ARG G 74 -23.72 -3.53 16.06
C ARG G 74 -23.14 -3.51 17.46
N ILE G 75 -22.56 -4.62 17.91
CA ILE G 75 -21.89 -4.63 19.20
C ILE G 75 -20.62 -3.81 19.12
N PHE G 76 -19.94 -3.87 17.99
CA PHE G 76 -18.69 -3.14 17.86
C PHE G 76 -18.92 -1.65 17.67
N GLN G 77 -20.02 -1.27 17.01
CA GLN G 77 -20.32 0.15 16.88
C GLN G 77 -20.71 0.77 18.22
N LYS G 78 -21.30 -0.03 19.12
CA LYS G 78 -21.58 0.50 20.45
C LYS G 78 -20.29 0.74 21.22
N ASP G 79 -19.22 0.02 20.85
CA ASP G 79 -17.95 0.23 21.51
C ASP G 79 -17.20 1.41 20.91
N LEU G 80 -17.15 1.50 19.58
CA LEU G 80 -16.31 2.50 18.93
C LEU G 80 -16.89 3.89 19.09
N LEU G 81 -18.20 4.02 19.01
CA LEU G 81 -18.86 5.30 19.21
C LEU G 81 -18.70 5.77 20.65
N ALA G 82 -18.60 4.83 21.58
CA ALA G 82 -18.27 5.20 22.95
C ALA G 82 -16.83 5.67 23.06
N ILE G 83 -15.94 5.11 22.24
CA ILE G 83 -14.56 5.58 22.22
C ILE G 83 -14.50 6.94 21.54
N TYR G 84 -15.19 7.08 20.41
CA TYR G 84 -15.11 8.28 19.58
C TYR G 84 -15.59 9.52 20.32
N GLN G 85 -16.67 9.39 21.08
CA GLN G 85 -17.10 10.48 21.94
C GLN G 85 -16.08 10.76 23.02
N ASN G 86 -15.49 9.71 23.58
CA ASN G 86 -14.59 9.91 24.69
C ASN G 86 -13.18 10.20 24.19
N MET G 87 -12.95 10.04 22.88
CA MET G 87 -11.71 10.52 22.31
C MET G 87 -11.84 11.98 21.89
N LEU G 88 -13.04 12.35 21.42
CA LEU G 88 -13.28 13.73 21.01
C LEU G 88 -13.37 14.64 22.23
N ARG G 89 -13.68 14.05 23.39
CA ARG G 89 -13.59 14.79 24.65
C ARG G 89 -12.15 15.21 24.93
N ASN G 90 -11.20 14.30 24.72
CA ASN G 90 -9.80 14.61 24.99
C ASN G 90 -9.22 15.58 23.99
N TYR G 91 -9.79 15.69 22.80
CA TYR G 91 -9.23 16.62 21.84
C TYR G 91 -9.56 18.06 22.18
N ASN G 92 -10.78 18.30 22.64
CA ASN G 92 -11.17 19.65 23.03
C ASN G 92 -10.45 20.09 24.29
N ALA G 93 -10.33 19.19 25.26
CA ALA G 93 -9.67 19.53 26.51
C ALA G 93 -8.17 19.68 26.36
N MET G 94 -7.57 19.03 25.38
CA MET G 94 -6.16 19.27 25.09
C MET G 94 -5.96 20.62 24.45
N MET G 95 -6.92 21.04 23.63
CA MET G 95 -6.82 22.31 22.92
C MET G 95 -6.92 23.48 23.87
N GLU G 96 -7.77 23.36 24.89
CA GLU G 96 -7.94 24.45 25.85
C GLU G 96 -6.73 24.56 26.77
N GLY G 97 -5.91 23.53 26.84
CA GLY G 97 -4.76 23.51 27.69
C GLY G 97 -4.97 22.85 29.02
N LEU G 98 -6.10 22.18 29.21
CA LEU G 98 -6.41 21.52 30.47
C LEU G 98 -5.58 20.25 30.58
N THR G 99 -4.70 20.19 31.58
CA THR G 99 -3.94 18.97 31.80
C THR G 99 -4.83 17.85 32.31
N GLU G 100 -5.87 18.20 33.06
CA GLU G 100 -6.85 17.24 33.50
C GLU G 100 -8.24 17.71 33.10
N HIS G 101 -9.13 16.77 33.01
CA HIS G 101 -10.56 17.01 32.87
C HIS G 101 -11.10 17.64 34.13
N PRO G 102 -12.31 18.25 34.08
CA PRO G 102 -12.93 18.76 35.31
C PRO G 102 -13.28 17.67 36.32
N ASP G 103 -13.33 16.41 35.87
CA ASP G 103 -13.45 15.28 36.77
C ASP G 103 -12.13 14.90 37.41
N GLY G 104 -11.03 15.57 37.06
CA GLY G 104 -9.73 15.24 37.57
C GLY G 104 -9.01 14.14 36.82
N THR G 105 -9.66 13.52 35.85
CA THR G 105 -9.03 12.45 35.08
C THR G 105 -8.01 13.05 34.13
N PRO G 106 -6.90 12.35 33.83
CA PRO G 106 -5.87 12.93 32.96
C PRO G 106 -6.31 13.10 31.52
N VAL G 107 -5.67 14.02 30.81
CA VAL G 107 -5.99 14.29 29.41
C VAL G 107 -4.91 13.64 28.55
N ILE G 108 -5.31 12.75 27.70
CA ILE G 108 -4.39 12.01 26.84
C ILE G 108 -4.37 12.69 25.48
N GLY G 109 -3.17 12.79 24.89
CA GLY G 109 -3.02 13.53 23.64
C GLY G 109 -3.59 12.76 22.46
N VAL G 110 -4.36 13.45 21.63
CA VAL G 110 -4.99 12.87 20.45
C VAL G 110 -4.69 13.76 19.26
N ARG G 111 -4.09 13.20 18.23
CA ARG G 111 -3.85 13.95 17.01
C ARG G 111 -5.13 14.06 16.20
N PRO G 112 -5.27 15.11 15.39
CA PRO G 112 -6.50 15.25 14.60
C PRO G 112 -6.63 14.24 13.49
N ALA G 113 -5.53 13.68 13.02
CA ALA G 113 -5.65 12.62 12.01
C ALA G 113 -6.07 11.30 12.62
N ASP G 114 -6.02 11.16 13.94
CA ASP G 114 -6.43 9.95 14.63
C ASP G 114 -7.95 9.90 14.75
N ILE G 115 -8.58 11.05 14.96
CA ILE G 115 -10.04 11.12 15.01
C ILE G 115 -10.63 10.77 13.66
N ALA G 116 -9.94 11.17 12.59
CA ALA G 116 -10.38 10.83 11.24
C ALA G 116 -10.26 9.34 10.97
N ALA G 117 -9.37 8.66 11.69
CA ALA G 117 -9.26 7.22 11.51
C ALA G 117 -10.48 6.51 12.11
N MET G 118 -10.86 6.90 13.33
CA MET G 118 -12.01 6.29 13.97
C MET G 118 -13.32 6.68 13.29
N ALA G 119 -13.34 7.85 12.65
CA ALA G 119 -14.50 8.20 11.85
C ALA G 119 -14.64 7.29 10.64
N ASP G 120 -13.51 6.90 10.06
CA ASP G 120 -13.56 6.07 8.87
C ASP G 120 -13.88 4.63 9.21
N ARG G 121 -13.46 4.17 10.39
CA ARG G 121 -13.76 2.81 10.81
C ARG G 121 -15.26 2.61 11.03
N ILE G 122 -15.92 3.61 11.60
CA ILE G 122 -17.34 3.49 11.91
C ILE G 122 -18.16 3.45 10.63
N MET G 123 -17.92 4.39 9.72
CA MET G 123 -18.69 4.43 8.49
C MET G 123 -18.32 3.30 7.55
N LYS G 124 -17.18 2.65 7.78
CA LYS G 124 -16.89 1.42 7.07
C LYS G 124 -17.83 0.31 7.52
N ILE G 125 -18.03 0.19 8.84
CA ILE G 125 -18.89 -0.84 9.39
C ILE G 125 -20.33 -0.62 8.97
N ASP G 126 -20.75 0.64 9.01
CA ASP G 126 -22.12 1.00 8.61
C ASP G 126 -22.34 0.73 7.13
N GLN G 127 -21.30 0.87 6.33
CA GLN G 127 -21.43 0.53 4.91
C GLN G 127 -21.42 -0.97 4.71
N GLU G 128 -20.80 -1.70 5.63
CA GLU G 128 -20.79 -3.16 5.52
C GLU G 128 -22.16 -3.75 5.80
N ARG G 129 -22.95 -3.09 6.65
CA ARG G 129 -24.30 -3.58 6.89
C ARG G 129 -25.15 -3.48 5.63
N ILE G 130 -25.04 -2.36 4.91
CA ILE G 130 -25.87 -2.13 3.73
C ILE G 130 -25.52 -3.11 2.63
N THR G 131 -24.24 -3.39 2.44
CA THR G 131 -23.82 -4.28 1.36
C THR G 131 -24.21 -5.73 1.65
N ALA G 132 -23.98 -6.20 2.87
CA ALA G 132 -24.26 -7.59 3.19
C ALA G 132 -25.75 -7.86 3.29
N LEU G 133 -26.52 -6.88 3.76
CA LEU G 133 -27.96 -7.07 3.88
C LEU G 133 -28.61 -7.09 2.51
N LEU G 134 -28.06 -6.31 1.58
CA LEU G 134 -28.60 -6.29 0.22
C LEU G 134 -28.29 -7.58 -0.50
N ASN G 135 -27.12 -8.16 -0.25
CA ASN G 135 -26.77 -9.44 -0.86
C ASN G 135 -27.62 -10.56 -0.28
N SER G 136 -28.00 -10.42 0.99
CA SER G 136 -28.93 -11.36 1.60
C SER G 136 -30.29 -11.32 0.92
N LEU G 137 -30.72 -10.13 0.51
CA LEU G 137 -31.96 -10.04 -0.25
C LEU G 137 -31.75 -10.53 -1.68
N LYS G 138 -30.57 -10.29 -2.23
CA LYS G 138 -30.33 -10.57 -3.64
C LYS G 138 -30.07 -12.06 -3.89
N VAL G 139 -29.16 -12.64 -3.13
CA VAL G 139 -28.79 -14.03 -3.35
C VAL G 139 -29.86 -14.96 -2.79
N LEU G 140 -30.38 -14.62 -1.62
CA LEU G 140 -31.20 -15.57 -0.88
C LEU G 140 -32.69 -15.22 -1.00
N MET H 4 -36.96 -13.53 31.40
CA MET H 4 -36.60 -14.47 30.34
C MET H 4 -37.20 -13.91 29.04
N SER H 5 -37.55 -12.62 29.08
CA SER H 5 -38.27 -11.97 28.00
C SER H 5 -37.43 -10.89 27.32
N VAL H 6 -36.94 -9.91 28.07
CA VAL H 6 -36.33 -8.74 27.44
C VAL H 6 -34.86 -8.64 27.85
N SER H 7 -34.62 -8.40 29.14
CA SER H 7 -33.28 -8.16 29.64
C SER H 7 -32.52 -9.44 29.91
N PHE H 8 -33.10 -10.57 29.61
CA PHE H 8 -32.41 -11.83 29.66
C PHE H 8 -32.09 -12.34 28.27
N ARG H 9 -33.04 -12.25 27.33
CA ARG H 9 -32.78 -12.71 25.96
C ARG H 9 -31.79 -11.79 25.26
N ASP H 10 -31.78 -10.50 25.63
CA ASP H 10 -30.76 -9.60 25.11
C ASP H 10 -29.40 -9.95 25.68
N ARG H 11 -29.34 -10.21 26.99
CA ARG H 11 -28.06 -10.41 27.65
C ARG H 11 -27.39 -11.70 27.23
N VAL H 12 -28.16 -12.78 27.08
CA VAL H 12 -27.59 -14.05 26.67
C VAL H 12 -27.08 -13.98 25.24
N LEU H 13 -27.76 -13.27 24.36
CA LEU H 13 -27.28 -13.10 23.00
C LEU H 13 -26.03 -12.23 22.94
N LYS H 14 -26.00 -11.14 23.70
CA LYS H 14 -24.86 -10.23 23.65
C LYS H 14 -23.65 -10.87 24.28
N LEU H 15 -23.85 -11.68 25.31
CA LEU H 15 -22.71 -12.28 25.98
C LEU H 15 -22.19 -13.46 25.18
N TYR H 16 -23.04 -14.09 24.37
CA TYR H 16 -22.58 -15.18 23.53
C TYR H 16 -21.73 -14.68 22.38
N LEU H 17 -22.12 -13.55 21.79
CA LEU H 17 -21.40 -13.04 20.63
C LEU H 17 -20.08 -12.40 21.03
N LEU H 18 -19.86 -12.17 22.32
CA LEU H 18 -18.53 -11.77 22.77
C LEU H 18 -17.68 -12.98 23.12
N GLY H 19 -18.19 -14.18 22.86
CA GLY H 19 -17.35 -15.34 22.83
C GLY H 19 -17.24 -16.11 24.14
N PHE H 20 -18.32 -16.19 24.88
CA PHE H 20 -18.38 -17.01 26.08
C PHE H 20 -19.14 -18.27 25.76
N ASP H 21 -18.65 -19.40 26.24
CA ASP H 21 -19.38 -20.66 26.15
C ASP H 21 -20.62 -20.58 27.03
N PRO H 22 -21.69 -21.34 26.73
CA PRO H 22 -22.93 -21.22 27.52
C PRO H 22 -22.81 -21.62 28.97
N SER H 23 -21.74 -22.31 29.36
CA SER H 23 -21.47 -22.52 30.77
C SER H 23 -21.17 -21.20 31.48
N GLU H 24 -20.31 -20.38 30.88
CA GLU H 24 -19.94 -19.12 31.52
C GLU H 24 -21.07 -18.11 31.44
N ILE H 25 -21.88 -18.19 30.38
CA ILE H 25 -23.05 -17.32 30.26
C ILE H 25 -24.04 -17.60 31.38
N ALA H 26 -24.15 -18.88 31.76
CA ALA H 26 -24.99 -19.25 32.88
C ALA H 26 -24.42 -18.72 34.19
N GLN H 27 -23.13 -18.91 34.41
CA GLN H 27 -22.53 -18.62 35.72
C GLN H 27 -22.47 -17.13 36.00
N THR H 28 -22.22 -16.32 34.97
CA THR H 28 -22.26 -14.87 35.15
C THR H 28 -23.68 -14.39 35.41
N LEU H 29 -24.66 -15.05 34.78
CA LEU H 29 -26.04 -14.69 35.03
C LEU H 29 -26.65 -15.49 36.17
N SER H 30 -25.92 -16.46 36.72
CA SER H 30 -26.40 -17.17 37.91
C SER H 30 -26.46 -16.23 39.11
N LEU H 31 -25.56 -15.26 39.16
CA LEU H 31 -25.52 -14.30 40.25
C LEU H 31 -26.14 -12.96 39.87
N ASP H 32 -26.62 -12.82 38.64
CA ASP H 32 -27.24 -11.57 38.22
C ASP H 32 -28.54 -11.28 38.96
N ALA H 33 -29.58 -12.07 38.69
CA ALA H 33 -30.87 -11.87 39.33
C ALA H 33 -31.32 -13.10 40.10
N LYS H 34 -31.27 -14.26 39.44
CA LYS H 34 -31.81 -15.48 40.00
C LYS H 34 -30.87 -16.09 41.00
N ARG H 35 -31.30 -17.21 41.60
CA ARG H 35 -30.39 -18.02 42.40
C ARG H 35 -29.41 -18.74 41.50
N LYS H 36 -29.91 -19.40 40.46
CA LYS H 36 -29.05 -20.05 39.48
C LYS H 36 -29.76 -20.06 38.14
N VAL H 37 -28.97 -20.16 37.07
CA VAL H 37 -29.47 -20.28 35.71
C VAL H 37 -28.81 -21.53 35.14
N THR H 38 -29.63 -22.49 34.71
CA THR H 38 -29.07 -23.72 34.17
C THR H 38 -28.54 -23.47 32.76
N GLU H 39 -27.66 -24.38 32.32
CA GLU H 39 -27.07 -24.26 31.00
C GLU H 39 -28.11 -24.47 29.91
N GLU H 40 -29.08 -25.35 30.16
CA GLU H 40 -30.13 -25.59 29.18
C GLU H 40 -31.07 -24.38 29.08
N GLU H 41 -31.24 -23.65 30.18
CA GLU H 41 -31.98 -22.40 30.15
C GLU H 41 -31.29 -21.38 29.25
N VAL H 42 -29.96 -21.36 29.28
CA VAL H 42 -29.20 -20.49 28.38
C VAL H 42 -29.30 -21.00 26.95
N LEU H 43 -29.05 -22.29 26.76
CA LEU H 43 -28.94 -22.86 25.42
C LEU H 43 -30.28 -22.89 24.69
N HIS H 44 -31.39 -22.91 25.42
CA HIS H 44 -32.70 -22.78 24.79
C HIS H 44 -32.88 -21.41 24.16
N VAL H 45 -32.41 -20.36 24.85
CA VAL H 45 -32.60 -19.00 24.37
C VAL H 45 -31.74 -18.74 23.14
N LEU H 46 -30.51 -19.27 23.14
CA LEU H 46 -29.59 -19.08 22.02
C LEU H 46 -30.11 -19.72 20.75
N ALA H 47 -30.73 -20.90 20.86
CA ALA H 47 -31.35 -21.50 19.70
C ALA H 47 -32.63 -20.76 19.32
N GLU H 48 -33.31 -20.20 20.31
CA GLU H 48 -34.52 -19.43 20.05
C GLU H 48 -34.18 -18.13 19.34
N ALA H 49 -33.18 -17.41 19.84
CA ALA H 49 -32.82 -16.13 19.22
C ALA H 49 -32.08 -16.32 17.91
N ARG H 50 -31.57 -17.53 17.66
CA ARG H 50 -30.92 -17.83 16.38
C ARG H 50 -31.89 -17.67 15.24
N GLU H 51 -33.11 -18.17 15.43
CA GLU H 51 -34.11 -18.10 14.36
C GLU H 51 -34.68 -16.70 14.22
N LEU H 52 -34.59 -15.90 15.28
CA LEU H 52 -35.01 -14.50 15.21
C LEU H 52 -34.06 -13.76 14.29
N LEU H 53 -32.75 -13.96 14.50
CA LEU H 53 -31.74 -13.34 13.65
C LEU H 53 -31.72 -13.94 12.25
N SER H 54 -32.25 -15.15 12.07
CA SER H 54 -32.22 -15.80 10.76
C SER H 54 -33.24 -15.25 9.79
N ALA H 55 -34.05 -14.27 10.20
CA ALA H 55 -35.08 -13.73 9.33
C ALA H 55 -34.47 -12.89 8.21
N LEU H 56 -35.31 -12.56 7.23
CA LEU H 56 -34.88 -11.80 6.08
C LEU H 56 -35.33 -10.35 6.25
N PRO H 57 -34.63 -9.37 5.66
CA PRO H 57 -35.07 -7.98 5.80
C PRO H 57 -36.21 -7.66 4.85
N SER H 58 -36.73 -6.44 4.92
CA SER H 58 -37.67 -5.97 3.92
C SER H 58 -37.01 -4.86 3.13
N LEU H 59 -37.68 -4.43 2.07
CA LEU H 59 -37.08 -3.44 1.19
C LEU H 59 -37.10 -2.07 1.86
N GLU H 60 -38.14 -1.80 2.65
CA GLU H 60 -38.18 -0.57 3.43
C GLU H 60 -37.28 -0.67 4.64
N ASP H 61 -36.99 -1.89 5.08
CA ASP H 61 -36.08 -2.09 6.21
C ASP H 61 -34.67 -1.67 5.84
N ILE H 62 -34.26 -1.98 4.61
CA ILE H 62 -32.94 -1.58 4.13
C ILE H 62 -32.87 -0.06 3.97
N ARG H 63 -34.00 0.57 3.64
CA ARG H 63 -34.04 2.03 3.50
C ARG H 63 -33.85 2.72 4.84
N ALA H 64 -34.08 2.01 5.94
CA ALA H 64 -33.89 2.60 7.25
C ALA H 64 -32.41 2.86 7.55
N GLU H 65 -31.55 1.87 7.27
CA GLU H 65 -30.13 2.06 7.58
C GLU H 65 -29.49 3.04 6.61
N VAL H 66 -29.86 2.99 5.34
CA VAL H 66 -29.29 3.90 4.35
C VAL H 66 -29.69 5.33 4.68
N GLY H 67 -30.87 5.51 5.24
CA GLY H 67 -31.20 6.79 5.84
C GLY H 67 -30.31 7.10 7.04
N GLN H 68 -30.08 6.10 7.89
CA GLN H 68 -29.30 6.37 9.10
C GLN H 68 -27.81 6.46 8.80
N ALA H 69 -27.33 5.74 7.79
CA ALA H 69 -25.91 5.77 7.49
C ALA H 69 -25.48 7.11 6.93
N LEU H 70 -26.34 7.73 6.13
CA LEU H 70 -26.03 9.06 5.63
C LEU H 70 -26.13 10.11 6.73
N GLU H 71 -26.96 9.84 7.72
CA GLU H 71 -27.07 10.79 8.82
C GLU H 71 -25.91 10.61 9.81
N ARG H 72 -25.34 9.40 9.87
CA ARG H 72 -24.05 9.22 10.53
C ARG H 72 -22.98 10.09 9.92
N ALA H 73 -23.01 10.27 8.60
CA ALA H 73 -22.01 11.06 7.91
C ALA H 73 -22.11 12.53 8.29
N ARG H 74 -23.33 13.06 8.36
CA ARG H 74 -23.50 14.49 8.60
C ARG H 74 -23.12 14.87 10.02
N ILE H 75 -23.25 13.95 10.96
CA ILE H 75 -22.79 14.23 12.31
C ILE H 75 -21.27 14.29 12.34
N PHE H 76 -20.62 13.45 11.56
CA PHE H 76 -19.16 13.42 11.56
C PHE H 76 -18.58 14.61 10.81
N GLN H 77 -19.28 15.10 9.77
CA GLN H 77 -18.78 16.28 9.08
C GLN H 77 -18.92 17.53 9.94
N LYS H 78 -19.90 17.56 10.84
CA LYS H 78 -19.97 18.68 11.78
C LYS H 78 -18.82 18.65 12.76
N ASP H 79 -18.25 17.47 12.99
CA ASP H 79 -17.11 17.38 13.88
C ASP H 79 -15.81 17.72 13.16
N LEU H 80 -15.62 17.18 11.96
CA LEU H 80 -14.33 17.31 11.30
C LEU H 80 -14.11 18.73 10.79
N LEU H 81 -15.18 19.36 10.28
CA LEU H 81 -15.09 20.74 9.84
C LEU H 81 -14.83 21.68 11.01
N ALA H 82 -15.31 21.31 12.19
CA ALA H 82 -14.95 22.07 13.38
C ALA H 82 -13.50 21.86 13.73
N ILE H 83 -12.96 20.67 13.47
CA ILE H 83 -11.54 20.44 13.69
C ILE H 83 -10.72 21.18 12.65
N TYR H 84 -11.14 21.08 11.37
CA TYR H 84 -10.38 21.64 10.25
C TYR H 84 -10.22 23.13 10.36
N GLN H 85 -11.28 23.84 10.75
CA GLN H 85 -11.15 25.27 11.02
C GLN H 85 -10.23 25.52 12.20
N ASN H 86 -10.32 24.69 13.22
CA ASN H 86 -9.53 24.95 14.42
C ASN H 86 -8.15 24.35 14.29
N MET H 87 -7.93 23.56 13.24
CA MET H 87 -6.56 23.14 12.93
C MET H 87 -5.90 24.16 12.02
N LEU H 88 -6.68 24.76 11.12
CA LEU H 88 -6.14 25.77 10.22
C LEU H 88 -5.85 27.06 10.98
N ARG H 89 -6.52 27.26 12.11
CA ARG H 89 -6.17 28.34 13.01
C ARG H 89 -4.75 28.18 13.54
N ASN H 90 -4.40 26.96 13.95
CA ASN H 90 -3.07 26.73 14.50
C ASN H 90 -1.98 26.79 13.45
N TYR H 91 -2.30 26.61 12.17
CA TYR H 91 -1.26 26.66 11.16
C TYR H 91 -0.84 28.10 10.89
N ASN H 92 -1.80 29.02 10.85
CA ASN H 92 -1.46 30.41 10.62
C ASN H 92 -0.74 31.00 11.81
N ALA H 93 -1.18 30.68 13.02
CA ALA H 93 -0.55 31.22 14.21
C ALA H 93 0.83 30.62 14.48
N MET H 94 1.09 29.42 14.00
CA MET H 94 2.43 28.86 14.07
C MET H 94 3.36 29.57 13.10
N MET H 95 2.82 29.94 11.94
CA MET H 95 3.62 30.57 10.91
C MET H 95 4.06 31.97 11.32
N GLU H 96 3.18 32.70 12.02
CA GLU H 96 3.53 34.04 12.45
C GLU H 96 4.52 34.02 13.59
N GLY H 97 4.69 32.89 14.25
CA GLY H 97 5.59 32.75 15.36
C GLY H 97 4.95 32.91 16.70
N LEU H 98 3.62 32.96 16.78
CA LEU H 98 2.91 33.13 18.02
C LEU H 98 2.97 31.82 18.80
N THR H 99 3.59 31.84 19.98
CA THR H 99 3.60 30.66 20.82
C THR H 99 2.22 30.38 21.39
N GLU H 100 1.45 31.43 21.64
CA GLU H 100 0.08 31.30 22.06
C GLU H 100 -0.82 32.09 21.12
N HIS H 101 -2.07 31.69 21.10
CA HIS H 101 -3.15 32.42 20.48
C HIS H 101 -3.40 33.71 21.24
N PRO H 102 -4.10 34.70 20.62
CA PRO H 102 -4.48 35.90 21.37
C PRO H 102 -5.42 35.64 22.54
N ASP H 103 -6.08 34.49 22.55
CA ASP H 103 -6.84 34.03 23.70
C ASP H 103 -5.96 33.46 24.80
N GLY H 104 -4.65 33.36 24.58
CA GLY H 104 -3.76 32.75 25.54
C GLY H 104 -3.64 31.25 25.44
N THR H 105 -4.43 30.61 24.61
CA THR H 105 -4.39 29.17 24.47
C THR H 105 -3.12 28.77 23.71
N PRO H 106 -2.51 27.62 24.01
CA PRO H 106 -1.25 27.24 23.35
C PRO H 106 -1.43 26.92 21.87
N VAL H 107 -0.35 27.06 21.11
CA VAL H 107 -0.35 26.79 19.68
C VAL H 107 0.31 25.44 19.45
N ILE H 108 -0.42 24.52 18.87
CA ILE H 108 0.06 23.18 18.63
C ILE H 108 0.54 23.09 17.19
N GLY H 109 1.66 22.41 16.98
CA GLY H 109 2.28 22.36 15.66
C GLY H 109 1.51 21.47 14.70
N VAL H 110 1.27 21.98 13.49
CA VAL H 110 0.54 21.27 12.46
C VAL H 110 1.36 21.33 11.17
N ARG H 111 1.67 20.17 10.63
CA ARG H 111 2.35 20.10 9.36
C ARG H 111 1.39 20.39 8.22
N PRO H 112 1.88 20.92 7.09
CA PRO H 112 0.96 21.21 5.98
C PRO H 112 0.44 19.98 5.30
N ALA H 113 1.12 18.85 5.38
CA ALA H 113 0.57 17.64 4.82
C ALA H 113 -0.53 17.04 5.69
N ASP H 114 -0.66 17.50 6.93
CA ASP H 114 -1.70 17.03 7.83
C ASP H 114 -3.03 17.68 7.51
N ILE H 115 -3.00 18.96 7.12
CA ILE H 115 -4.21 19.66 6.71
C ILE H 115 -4.77 19.04 5.45
N ALA H 116 -3.88 18.58 4.57
CA ALA H 116 -4.33 17.92 3.34
C ALA H 116 -4.96 16.58 3.64
N ALA H 117 -4.63 15.97 4.78
CA ALA H 117 -5.26 14.71 5.15
C ALA H 117 -6.70 14.93 5.56
N MET H 118 -6.93 15.95 6.40
CA MET H 118 -8.29 16.25 6.84
C MET H 118 -9.14 16.81 5.72
N ALA H 119 -8.52 17.46 4.74
CA ALA H 119 -9.25 17.88 3.57
C ALA H 119 -9.73 16.70 2.76
N ASP H 120 -8.92 15.64 2.70
CA ASP H 120 -9.29 14.49 1.90
C ASP H 120 -10.33 13.64 2.61
N ARG H 121 -10.31 13.63 3.94
CA ARG H 121 -11.30 12.87 4.69
C ARG H 121 -12.69 13.45 4.52
N ILE H 122 -12.79 14.77 4.48
CA ILE H 122 -14.09 15.42 4.39
C ILE H 122 -14.71 15.18 3.02
N MET H 123 -13.94 15.41 1.96
CA MET H 123 -14.47 15.23 0.62
C MET H 123 -14.67 13.77 0.28
N LYS H 124 -14.05 12.87 1.03
CA LYS H 124 -14.36 11.46 0.90
C LYS H 124 -15.77 11.19 1.41
N ILE H 125 -16.12 11.78 2.56
CA ILE H 125 -17.44 11.57 3.16
C ILE H 125 -18.51 12.18 2.28
N ASP H 126 -18.23 13.38 1.76
CA ASP H 126 -19.17 14.06 0.89
C ASP H 126 -19.38 13.29 -0.41
N GLN H 127 -18.35 12.60 -0.88
CA GLN H 127 -18.51 11.77 -2.07
C GLN H 127 -19.26 10.49 -1.73
N GLU H 128 -19.18 10.04 -0.47
CA GLU H 128 -19.91 8.85 -0.07
C GLU H 128 -21.41 9.10 -0.01
N ARG H 129 -21.83 10.33 0.28
CA ARG H 129 -23.25 10.64 0.26
C ARG H 129 -23.81 10.53 -1.14
N ILE H 130 -23.08 11.04 -2.13
CA ILE H 130 -23.57 11.06 -3.51
C ILE H 130 -23.68 9.64 -4.07
N THR H 131 -22.72 8.79 -3.75
CA THR H 131 -22.73 7.43 -4.29
C THR H 131 -23.83 6.59 -3.66
N ALA H 132 -23.97 6.66 -2.34
CA ALA H 132 -24.96 5.83 -1.66
C ALA H 132 -26.38 6.30 -1.92
N LEU H 133 -26.57 7.61 -2.05
CA LEU H 133 -27.91 8.13 -2.32
C LEU H 133 -28.35 7.79 -3.73
N LEU H 134 -27.40 7.76 -4.66
CA LEU H 134 -27.74 7.40 -6.04
C LEU H 134 -28.07 5.93 -6.15
N ASN H 135 -27.39 5.08 -5.39
CA ASN H 135 -27.70 3.66 -5.38
C ASN H 135 -29.05 3.40 -4.74
N SER H 136 -29.41 4.23 -3.76
CA SER H 136 -30.75 4.16 -3.17
C SER H 136 -31.81 4.48 -4.20
N LEU H 137 -31.55 5.42 -5.10
CA LEU H 137 -32.48 5.68 -6.18
C LEU H 137 -32.44 4.58 -7.22
N LYS H 138 -31.26 4.01 -7.45
CA LYS H 138 -31.09 3.06 -8.54
C LYS H 138 -31.60 1.69 -8.18
N VAL H 139 -31.19 1.17 -7.03
CA VAL H 139 -31.58 -0.19 -6.65
C VAL H 139 -33.02 -0.20 -6.13
N LEU H 140 -33.39 0.80 -5.37
CA LEU H 140 -34.64 0.73 -4.63
C LEU H 140 -35.71 1.60 -5.29
N MET I 4 -41.27 18.94 21.43
CA MET I 4 -41.35 17.58 20.90
C MET I 4 -41.44 17.71 19.38
N SER I 5 -41.08 18.90 18.89
CA SER I 5 -41.26 19.23 17.49
C SER I 5 -39.93 19.43 16.76
N VAL I 6 -39.07 20.33 17.24
CA VAL I 6 -37.89 20.70 16.48
C VAL I 6 -36.63 20.33 17.25
N SER I 7 -36.42 21.00 18.40
CA SER I 7 -35.19 20.83 19.17
C SER I 7 -35.24 19.61 20.05
N PHE I 8 -36.29 18.85 20.00
CA PHE I 8 -36.35 17.56 20.67
C PHE I 8 -36.22 16.41 19.70
N ARG I 9 -36.88 16.48 18.54
CA ARG I 9 -36.77 15.42 17.55
C ARG I 9 -35.39 15.40 16.91
N ASP I 10 -34.76 16.57 16.81
CA ASP I 10 -33.38 16.63 16.35
C ASP I 10 -32.45 16.02 17.39
N ARG I 11 -32.65 16.35 18.66
CA ARG I 11 -31.72 15.94 19.70
C ARG I 11 -31.78 14.44 19.96
N VAL I 12 -32.99 13.87 19.96
CA VAL I 12 -33.11 12.43 20.19
C VAL I 12 -32.50 11.63 19.04
N LEU I 13 -32.63 12.11 17.80
CA LEU I 13 -32.01 11.44 16.68
C LEU I 13 -30.50 11.56 16.70
N LYS I 14 -29.99 12.74 17.02
CA LYS I 14 -28.54 12.95 17.02
C LYS I 14 -27.89 12.20 18.17
N LEU I 15 -28.59 12.10 19.29
CA LEU I 15 -27.98 11.43 20.43
C LEU I 15 -28.07 9.92 20.27
N TYR I 16 -29.04 9.43 19.51
CA TYR I 16 -29.13 8.00 19.26
C TYR I 16 -28.04 7.54 18.32
N LEU I 17 -27.73 8.34 17.30
CA LEU I 17 -26.75 7.93 16.30
C LEU I 17 -25.33 8.03 16.84
N LEU I 18 -25.15 8.69 17.98
CA LEU I 18 -23.86 8.64 18.65
C LEU I 18 -23.78 7.47 19.62
N GLY I 19 -24.82 6.62 19.63
CA GLY I 19 -24.69 5.33 20.26
C GLY I 19 -25.10 5.25 21.70
N PHE I 20 -26.15 5.99 22.08
CA PHE I 20 -26.72 5.88 23.41
C PHE I 20 -28.00 5.07 23.31
N ASP I 21 -28.20 4.18 24.27
CA ASP I 21 -29.47 3.47 24.39
C ASP I 21 -30.57 4.45 24.77
N PRO I 22 -31.84 4.16 24.45
CA PRO I 22 -32.90 5.15 24.73
C PRO I 22 -33.15 5.41 26.21
N SER I 23 -32.63 4.57 27.11
CA SER I 23 -32.63 4.92 28.52
C SER I 23 -31.77 6.14 28.79
N GLU I 24 -30.55 6.16 28.25
CA GLU I 24 -29.65 7.28 28.51
C GLU I 24 -30.08 8.53 27.76
N ILE I 25 -30.72 8.35 26.59
CA ILE I 25 -31.25 9.49 25.84
C ILE I 25 -32.34 10.18 26.65
N ALA I 26 -33.14 9.38 27.37
CA ALA I 26 -34.15 9.94 28.25
C ALA I 26 -33.52 10.69 29.42
N GLN I 27 -32.51 10.09 30.06
CA GLN I 27 -31.99 10.63 31.31
C GLN I 27 -31.19 11.90 31.08
N THR I 28 -30.47 11.99 29.97
CA THR I 28 -29.78 13.22 29.63
C THR I 28 -30.76 14.32 29.28
N LEU I 29 -31.88 13.96 28.64
CA LEU I 29 -32.90 14.94 28.33
C LEU I 29 -33.94 15.06 29.44
N SER I 30 -33.86 14.23 30.47
CA SER I 30 -34.73 14.40 31.63
C SER I 30 -34.42 15.68 32.37
N LEU I 31 -33.16 16.10 32.35
CA LEU I 31 -32.73 17.31 33.01
C LEU I 31 -32.54 18.47 32.05
N ASP I 32 -32.75 18.25 30.76
CA ASP I 32 -32.60 19.31 29.77
C ASP I 32 -33.63 20.42 29.95
N ALA I 33 -34.89 20.12 29.67
CA ALA I 33 -35.95 21.13 29.79
C ALA I 33 -37.04 20.68 30.75
N LYS I 34 -37.53 19.46 30.56
CA LYS I 34 -38.68 18.97 31.31
C LYS I 34 -38.28 18.52 32.70
N ARG I 35 -39.28 18.09 33.47
CA ARG I 35 -39.00 17.41 34.73
C ARG I 35 -38.45 16.02 34.46
N LYS I 36 -39.12 15.26 33.61
CA LYS I 36 -38.64 13.96 33.20
C LYS I 36 -39.11 13.66 31.80
N VAL I 37 -38.39 12.78 31.12
CA VAL I 37 -38.75 12.29 29.79
C VAL I 37 -38.79 10.78 29.89
N THR I 38 -39.94 10.17 29.59
CA THR I 38 -40.04 8.73 29.67
C THR I 38 -39.33 8.08 28.50
N GLU I 39 -39.00 6.80 28.67
CA GLU I 39 -38.32 6.05 27.63
C GLU I 39 -39.22 5.86 26.40
N GLU I 40 -40.52 5.69 26.64
CA GLU I 40 -41.45 5.53 25.53
C GLU I 40 -41.62 6.83 24.76
N GLU I 41 -41.48 7.97 25.44
CA GLU I 41 -41.47 9.26 24.77
C GLU I 41 -40.28 9.37 23.84
N VAL I 42 -39.14 8.83 24.26
CA VAL I 42 -37.96 8.79 23.40
C VAL I 42 -38.17 7.81 22.26
N LEU I 43 -38.61 6.60 22.59
CA LEU I 43 -38.68 5.51 21.62
C LEU I 43 -39.76 5.74 20.57
N HIS I 44 -40.79 6.53 20.91
CA HIS I 44 -41.79 6.91 19.90
C HIS I 44 -41.17 7.79 18.83
N VAL I 45 -40.30 8.72 19.23
CA VAL I 45 -39.72 9.66 18.28
C VAL I 45 -38.73 8.96 17.36
N LEU I 46 -37.96 8.01 17.90
CA LEU I 46 -36.98 7.28 17.12
C LEU I 46 -37.63 6.44 16.04
N ALA I 47 -38.77 5.82 16.35
CA ALA I 47 -39.51 5.09 15.33
C ALA I 47 -40.17 6.06 14.35
N GLU I 48 -40.57 7.24 14.85
CA GLU I 48 -41.17 8.25 14.00
C GLU I 48 -40.15 8.82 13.02
N ALA I 49 -38.98 9.18 13.52
CA ALA I 49 -37.96 9.77 12.66
C ALA I 49 -37.29 8.72 11.78
N ARG I 50 -37.46 7.44 12.11
CA ARG I 50 -36.94 6.37 11.26
C ARG I 50 -37.58 6.39 9.89
N GLU I 51 -38.89 6.61 9.85
CA GLU I 51 -39.61 6.63 8.59
C GLU I 51 -39.37 7.91 7.83
N LEU I 52 -38.98 8.97 8.52
CA LEU I 52 -38.60 10.22 7.88
C LEU I 52 -37.32 9.99 7.09
N LEU I 53 -36.34 9.37 7.73
CA LEU I 53 -35.08 9.05 7.06
C LEU I 53 -35.24 7.97 6.02
N SER I 54 -36.29 7.15 6.11
CA SER I 54 -36.48 6.05 5.18
C SER I 54 -36.98 6.50 3.81
N ALA I 55 -37.21 7.80 3.60
CA ALA I 55 -37.72 8.28 2.34
C ALA I 55 -36.66 8.19 1.24
N LEU I 56 -37.12 8.37 0.01
CA LEU I 56 -36.25 8.29 -1.16
C LEU I 56 -35.91 9.70 -1.62
N PRO I 57 -34.75 9.91 -2.25
CA PRO I 57 -34.44 11.27 -2.74
C PRO I 57 -35.15 11.59 -4.04
N SER I 58 -34.97 12.80 -4.54
CA SER I 58 -35.44 13.15 -5.86
C SER I 58 -34.22 13.38 -6.74
N LEU I 59 -34.48 13.54 -8.04
CA LEU I 59 -33.38 13.69 -8.98
C LEU I 59 -32.74 15.07 -8.84
N GLU I 60 -33.57 16.07 -8.53
CA GLU I 60 -33.04 17.41 -8.27
C GLU I 60 -32.43 17.47 -6.87
N ASP I 61 -32.87 16.58 -5.98
CA ASP I 61 -32.30 16.53 -4.64
C ASP I 61 -30.85 16.09 -4.69
N ILE I 62 -30.54 15.12 -5.56
CA ILE I 62 -29.16 14.67 -5.74
C ILE I 62 -28.31 15.76 -6.35
N ARG I 63 -28.91 16.59 -7.21
CA ARG I 63 -28.18 17.71 -7.83
C ARG I 63 -27.78 18.77 -6.81
N ALA I 64 -28.45 18.79 -5.65
CA ALA I 64 -28.10 19.75 -4.62
C ALA I 64 -26.74 19.45 -4.01
N GLU I 65 -26.49 18.17 -3.67
CA GLU I 65 -25.22 17.84 -3.03
C GLU I 65 -24.07 17.93 -4.02
N VAL I 66 -24.30 17.49 -5.26
CA VAL I 66 -23.25 17.53 -6.27
C VAL I 66 -22.88 18.97 -6.58
N GLY I 67 -23.85 19.87 -6.50
CA GLY I 67 -23.52 21.29 -6.48
C GLY I 67 -22.72 21.67 -5.25
N GLN I 68 -23.11 21.16 -4.09
CA GLN I 68 -22.44 21.56 -2.86
C GLN I 68 -21.09 20.86 -2.71
N ALA I 69 -20.94 19.65 -3.24
CA ALA I 69 -19.68 18.92 -3.08
C ALA I 69 -18.59 19.55 -3.90
N LEU I 70 -18.92 20.06 -5.08
CA LEU I 70 -17.93 20.76 -5.88
C LEU I 70 -17.58 22.10 -5.28
N GLU I 71 -18.52 22.70 -4.55
CA GLU I 71 -18.21 23.97 -3.92
C GLU I 71 -17.42 23.77 -2.64
N ARG I 72 -17.56 22.59 -2.01
CA ARG I 72 -16.62 22.19 -0.97
C ARG I 72 -15.19 22.15 -1.48
N ALA I 73 -15.01 21.72 -2.73
CA ALA I 73 -13.69 21.62 -3.31
C ALA I 73 -13.05 22.99 -3.49
N ARG I 74 -13.82 23.96 -3.98
CA ARG I 74 -13.25 25.26 -4.30
C ARG I 74 -12.86 26.02 -3.04
N ILE I 75 -13.53 25.76 -1.92
CA ILE I 75 -13.12 26.38 -0.68
C ILE I 75 -11.80 25.79 -0.21
N PHE I 76 -11.60 24.50 -0.44
CA PHE I 76 -10.38 23.86 0.01
C PHE I 76 -9.21 24.22 -0.89
N GLN I 77 -9.44 24.43 -2.18
CA GLN I 77 -8.35 24.86 -3.05
C GLN I 77 -7.91 26.28 -2.74
N LYS I 78 -8.81 27.12 -2.23
CA LYS I 78 -8.39 28.46 -1.79
C LYS I 78 -7.51 28.36 -0.57
N ASP I 79 -7.65 27.30 0.20
CA ASP I 79 -6.81 27.12 1.38
C ASP I 79 -5.47 26.51 1.01
N LEU I 80 -5.46 25.48 0.17
CA LEU I 80 -4.23 24.74 -0.08
C LEU I 80 -3.27 25.54 -0.95
N LEU I 81 -3.81 26.27 -1.92
CA LEU I 81 -2.98 27.12 -2.76
C LEU I 81 -2.38 28.27 -1.95
N ALA I 82 -3.09 28.70 -0.91
CA ALA I 82 -2.52 29.67 0.01
C ALA I 82 -1.40 29.04 0.82
N ILE I 83 -1.54 27.76 1.14
CA ILE I 83 -0.46 27.06 1.85
C ILE I 83 0.71 26.83 0.91
N TYR I 84 0.42 26.38 -0.31
CA TYR I 84 1.45 26.00 -1.28
C TYR I 84 2.35 27.16 -1.64
N GLN I 85 1.78 28.35 -1.83
CA GLN I 85 2.60 29.53 -2.04
C GLN I 85 3.41 29.85 -0.80
N ASN I 86 2.80 29.69 0.37
CA ASN I 86 3.49 30.09 1.59
C ASN I 86 4.38 28.95 2.08
N MET I 87 4.26 27.78 1.49
CA MET I 87 5.23 26.73 1.75
C MET I 87 6.41 26.85 0.79
N LEU I 88 6.13 27.25 -0.44
CA LEU I 88 7.20 27.42 -1.42
C LEU I 88 8.04 28.65 -1.10
N ARG I 89 7.46 29.59 -0.35
CA ARG I 89 8.25 30.69 0.20
C ARG I 89 9.31 30.19 1.15
N ASN I 90 8.96 29.26 2.03
CA ASN I 90 9.91 28.73 3.00
C ASN I 90 10.98 27.86 2.36
N TYR I 91 10.71 27.29 1.20
CA TYR I 91 11.73 26.45 0.58
C TYR I 91 12.85 27.28 -0.01
N ASN I 92 12.51 28.40 -0.64
CA ASN I 92 13.54 29.26 -1.22
C ASN I 92 14.35 29.93 -0.14
N ALA I 93 13.70 30.39 0.92
CA ALA I 93 14.40 31.08 2.01
C ALA I 93 15.24 30.13 2.84
N MET I 94 14.88 28.85 2.90
CA MET I 94 15.75 27.88 3.55
C MET I 94 16.99 27.60 2.72
N MET I 95 16.82 27.62 1.40
CA MET I 95 17.93 27.32 0.50
C MET I 95 18.98 28.42 0.54
N GLU I 96 18.54 29.68 0.66
CA GLU I 96 19.49 30.78 0.69
C GLU I 96 20.23 30.84 2.02
N GLY I 97 19.72 30.16 3.04
CA GLY I 97 20.31 30.16 4.34
C GLY I 97 19.73 31.15 5.30
N LEU I 98 18.61 31.78 4.96
CA LEU I 98 17.98 32.78 5.80
C LEU I 98 17.28 32.06 6.94
N THR I 99 17.71 32.32 8.17
CA THR I 99 17.03 31.75 9.33
C THR I 99 15.66 32.38 9.51
N GLU I 100 15.53 33.65 9.16
CA GLU I 100 14.25 34.32 9.17
C GLU I 100 13.97 34.92 7.80
N HIS I 101 12.72 35.13 7.54
CA HIS I 101 12.22 35.90 6.41
C HIS I 101 12.60 37.35 6.58
N PRO I 102 12.56 38.16 5.49
CA PRO I 102 12.80 39.61 5.64
C PRO I 102 11.75 40.32 6.49
N ASP I 103 10.60 39.69 6.69
CA ASP I 103 9.62 40.17 7.65
C ASP I 103 9.96 39.81 9.09
N GLY I 104 11.05 39.08 9.31
CA GLY I 104 11.41 38.65 10.64
C GLY I 104 10.74 37.37 11.09
N THR I 105 9.81 36.83 10.31
CA THR I 105 9.13 35.61 10.70
C THR I 105 10.07 34.42 10.53
N PRO I 106 9.97 33.38 11.36
CA PRO I 106 10.90 32.25 11.27
C PRO I 106 10.73 31.43 10.01
N VAL I 107 11.80 30.74 9.60
CA VAL I 107 11.78 29.90 8.42
C VAL I 107 11.67 28.45 8.86
N ILE I 108 10.63 27.79 8.43
CA ILE I 108 10.36 26.41 8.81
C ILE I 108 10.87 25.51 7.70
N GLY I 109 11.50 24.39 8.08
CA GLY I 109 12.11 23.51 7.10
C GLY I 109 11.09 22.73 6.31
N VAL I 110 11.27 22.69 4.99
CA VAL I 110 10.37 21.99 4.08
C VAL I 110 11.21 21.12 3.17
N ARG I 111 10.92 19.82 3.16
CA ARG I 111 11.61 18.94 2.25
C ARG I 111 11.03 19.07 0.84
N PRO I 112 11.82 18.78 -0.20
CA PRO I 112 11.30 18.91 -1.56
C PRO I 112 10.27 17.87 -1.92
N ALA I 113 10.28 16.72 -1.25
CA ALA I 113 9.22 15.75 -1.52
C ALA I 113 7.91 16.12 -0.86
N ASP I 114 7.91 17.10 0.04
CA ASP I 114 6.70 17.57 0.70
C ASP I 114 5.93 18.52 -0.21
N ILE I 115 6.65 19.34 -0.98
CA ILE I 115 6.02 20.24 -1.94
C ILE I 115 5.34 19.43 -3.03
N ALA I 116 5.94 18.30 -3.40
CA ALA I 116 5.34 17.43 -4.40
C ALA I 116 4.07 16.77 -3.88
N ALA I 117 3.95 16.64 -2.55
CA ALA I 117 2.72 16.09 -1.98
C ALA I 117 1.57 17.07 -2.12
N MET I 118 1.82 18.34 -1.79
CA MET I 118 0.77 19.35 -1.89
C MET I 118 0.45 19.66 -3.34
N ALA I 119 1.40 19.47 -4.24
CA ALA I 119 1.10 19.61 -5.66
C ALA I 119 0.16 18.53 -6.12
N ASP I 120 0.31 17.32 -5.58
CA ASP I 120 -0.52 16.22 -6.02
C ASP I 120 -1.92 16.30 -5.42
N ARG I 121 -2.03 16.87 -4.21
CA ARG I 121 -3.34 17.03 -3.59
C ARG I 121 -4.21 18.00 -4.36
N ILE I 122 -3.60 19.08 -4.86
CA ILE I 122 -4.36 20.11 -5.55
C ILE I 122 -4.89 19.59 -6.88
N MET I 123 -4.02 18.96 -7.66
CA MET I 123 -4.44 18.47 -8.97
C MET I 123 -5.32 17.24 -8.84
N LYS I 124 -5.32 16.60 -7.68
CA LYS I 124 -6.32 15.57 -7.41
C LYS I 124 -7.70 16.18 -7.29
N ILE I 125 -7.80 17.30 -6.57
CA ILE I 125 -9.08 17.96 -6.36
C ILE I 125 -9.60 18.52 -7.67
N ASP I 126 -8.71 19.12 -8.45
CA ASP I 126 -9.07 19.68 -9.74
C ASP I 126 -9.53 18.60 -10.70
N GLN I 127 -8.96 17.40 -10.59
CA GLN I 127 -9.42 16.28 -11.41
C GLN I 127 -10.74 15.74 -10.90
N GLU I 128 -11.02 15.91 -9.61
CA GLU I 128 -12.30 15.46 -9.08
C GLU I 128 -13.46 16.32 -9.55
N ARG I 129 -13.19 17.61 -9.83
CA ARG I 129 -14.25 18.45 -10.38
C ARG I 129 -14.66 17.99 -11.76
N ILE I 130 -13.68 17.64 -12.60
CA ILE I 130 -13.96 17.25 -13.99
C ILE I 130 -14.74 15.95 -14.04
N THR I 131 -14.38 15.00 -13.20
CA THR I 131 -15.04 13.70 -13.21
C THR I 131 -16.47 13.78 -12.70
N ALA I 132 -16.68 14.49 -11.58
CA ALA I 132 -18.00 14.54 -10.99
C ALA I 132 -18.95 15.41 -11.81
N LEU I 133 -18.43 16.47 -12.43
CA LEU I 133 -19.27 17.33 -13.23
C LEU I 133 -19.70 16.64 -14.52
N LEU I 134 -18.82 15.80 -15.05
CA LEU I 134 -19.16 15.06 -16.26
C LEU I 134 -20.20 13.99 -15.97
N ASN I 135 -20.11 13.36 -14.80
CA ASN I 135 -21.11 12.37 -14.42
C ASN I 135 -22.46 13.03 -14.16
N SER I 136 -22.44 14.28 -13.67
CA SER I 136 -23.66 15.05 -13.52
C SER I 136 -24.31 15.31 -14.87
N LEU I 137 -23.51 15.54 -15.91
CA LEU I 137 -24.08 15.68 -17.23
C LEU I 137 -24.52 14.33 -17.79
N LYS I 138 -23.78 13.27 -17.45
CA LYS I 138 -24.02 11.97 -18.05
C LYS I 138 -25.21 11.26 -17.42
N VAL I 139 -25.23 11.18 -16.09
CA VAL I 139 -26.29 10.45 -15.41
C VAL I 139 -27.57 11.28 -15.39
N LEU I 140 -27.44 12.56 -15.15
CA LEU I 140 -28.61 13.38 -14.84
C LEU I 140 -29.02 14.23 -16.04
#